data_2EOK
#
_entry.id   2EOK
#
loop_
_entity.id
_entity.type
_entity.pdbx_description
1 polymer 'Zinc finger protein 268'
2 non-polymer 'ZINC ION'
#
_entity_poly.entity_id   1
_entity_poly.type   'polypeptide(L)'
_entity_poly.pdbx_seq_one_letter_code
;GSSGSSGEKPYVCSDCGKAFTFKSQLIVHQGIHTGVSGPSSG
;
_entity_poly.pdbx_strand_id   A
#
loop_
_chem_comp.id
_chem_comp.type
_chem_comp.name
_chem_comp.formula
ZN non-polymer 'ZINC ION' 'Zn 2'
#
# COMPACT_ATOMS: atom_id res chain seq x y z
N GLY A 1 9.64 11.37 3.03
CA GLY A 1 10.92 10.69 3.03
C GLY A 1 11.31 10.17 4.39
N SER A 2 12.15 9.13 4.42
CA SER A 2 12.60 8.53 5.67
C SER A 2 14.07 8.16 5.60
N SER A 3 14.80 8.42 6.68
CA SER A 3 16.21 8.11 6.73
C SER A 3 16.50 7.06 7.81
N GLY A 4 16.07 7.33 9.03
CA GLY A 4 16.29 6.41 10.12
C GLY A 4 15.84 6.96 11.46
N SER A 5 14.52 7.09 11.63
CA SER A 5 13.95 7.62 12.86
C SER A 5 12.97 6.64 13.47
N SER A 6 12.07 6.13 12.64
CA SER A 6 11.05 5.17 13.10
C SER A 6 11.30 3.79 12.49
N GLY A 7 10.55 2.80 12.97
CA GLY A 7 10.70 1.46 12.47
C GLY A 7 10.03 1.26 11.12
N GLU A 8 9.59 0.03 10.85
CA GLU A 8 8.94 -0.28 9.58
C GLU A 8 7.68 -1.10 9.82
N LYS A 9 6.61 -0.73 9.13
CA LYS A 9 5.33 -1.43 9.26
C LYS A 9 5.45 -2.86 8.78
N PRO A 10 4.72 -3.77 9.46
CA PRO A 10 4.74 -5.20 9.12
C PRO A 10 4.03 -5.49 7.80
N TYR A 11 2.83 -4.96 7.65
CA TYR A 11 2.05 -5.16 6.44
C TYR A 11 2.60 -4.33 5.29
N VAL A 12 2.69 -4.93 4.11
CA VAL A 12 3.20 -4.24 2.94
C VAL A 12 2.49 -4.71 1.67
N CYS A 13 1.77 -3.80 1.03
CA CYS A 13 1.03 -4.12 -0.20
C CYS A 13 1.93 -4.86 -1.18
N SER A 14 1.31 -5.60 -2.09
CA SER A 14 2.04 -6.37 -3.10
C SER A 14 1.93 -5.71 -4.47
N ASP A 15 0.77 -5.12 -4.75
CA ASP A 15 0.54 -4.46 -6.03
C ASP A 15 1.58 -3.38 -6.27
N CYS A 16 1.61 -2.37 -5.39
CA CYS A 16 2.55 -1.28 -5.51
C CYS A 16 3.76 -1.49 -4.62
N GLY A 17 3.52 -1.98 -3.41
CA GLY A 17 4.61 -2.22 -2.47
C GLY A 17 4.60 -1.26 -1.31
N LYS A 18 3.44 -0.68 -1.02
CA LYS A 18 3.31 0.27 0.08
C LYS A 18 3.34 -0.45 1.42
N ALA A 19 3.37 0.33 2.50
CA ALA A 19 3.40 -0.24 3.84
C ALA A 19 2.26 0.31 4.70
N PHE A 20 1.78 -0.50 5.63
CA PHE A 20 0.69 -0.09 6.51
C PHE A 20 0.87 -0.67 7.91
N THR A 21 0.63 0.16 8.92
CA THR A 21 0.78 -0.25 10.31
C THR A 21 -0.29 -1.27 10.68
N PHE A 22 -1.54 -0.97 10.33
CA PHE A 22 -2.65 -1.86 10.64
C PHE A 22 -3.10 -2.62 9.38
N LYS A 23 -3.52 -3.87 9.58
CA LYS A 23 -3.97 -4.70 8.47
C LYS A 23 -5.15 -4.05 7.75
N SER A 24 -6.22 -3.77 8.49
CA SER A 24 -7.40 -3.16 7.92
C SER A 24 -7.03 -2.10 6.89
N GLN A 25 -6.14 -1.19 7.29
CA GLN A 25 -5.69 -0.13 6.40
C GLN A 25 -5.30 -0.67 5.04
N LEU A 26 -4.57 -1.79 5.04
CA LEU A 26 -4.13 -2.42 3.80
C LEU A 26 -5.31 -2.99 3.02
N ILE A 27 -6.10 -3.82 3.69
CA ILE A 27 -7.27 -4.43 3.07
C ILE A 27 -8.05 -3.41 2.26
N VAL A 28 -8.18 -2.21 2.81
CA VAL A 28 -8.91 -1.14 2.14
C VAL A 28 -8.08 -0.52 1.02
N HIS A 29 -6.78 -0.39 1.25
CA HIS A 29 -5.87 0.17 0.27
C HIS A 29 -5.85 -0.68 -1.00
N GLN A 30 -5.61 -1.96 -0.84
CA GLN A 30 -5.57 -2.89 -1.97
C GLN A 30 -6.67 -2.57 -2.98
N GLY A 31 -7.81 -2.10 -2.48
CA GLY A 31 -8.92 -1.75 -3.35
C GLY A 31 -8.53 -0.75 -4.42
N ILE A 32 -7.83 0.30 -4.01
CA ILE A 32 -7.41 1.34 -4.94
C ILE A 32 -6.80 0.73 -6.20
N HIS A 33 -6.31 -0.50 -6.08
CA HIS A 33 -5.70 -1.20 -7.20
C HIS A 33 -6.75 -1.93 -8.03
N THR A 34 -7.88 -1.26 -8.25
CA THR A 34 -8.97 -1.84 -9.02
C THR A 34 -9.43 -0.90 -10.13
N GLY A 35 -8.46 -0.26 -10.78
CA GLY A 35 -8.78 0.66 -11.86
C GLY A 35 -7.54 1.32 -12.43
N VAL A 36 -6.75 1.96 -11.58
CA VAL A 36 -5.53 2.64 -12.01
C VAL A 36 -4.65 1.70 -12.83
N SER A 37 -4.75 1.81 -14.15
CA SER A 37 -3.95 0.98 -15.05
C SER A 37 -2.95 1.82 -15.83
N GLY A 38 -3.44 2.90 -16.43
CA GLY A 38 -2.57 3.78 -17.19
C GLY A 38 -1.30 4.14 -16.45
N PRO A 39 -0.32 4.70 -17.17
CA PRO A 39 0.96 5.11 -16.60
C PRO A 39 0.82 6.32 -15.69
N SER A 40 1.81 6.53 -14.82
CA SER A 40 1.80 7.64 -13.89
C SER A 40 3.22 8.08 -13.54
N SER A 41 3.51 9.35 -13.77
CA SER A 41 4.83 9.90 -13.48
C SER A 41 5.08 9.97 -11.98
N GLY A 42 5.46 8.84 -11.39
CA GLY A 42 5.71 8.79 -9.96
C GLY A 42 4.50 9.16 -9.14
ZN ZN B . -0.84 -0.93 -3.21
N GLY A 1 19.60 15.89 5.74
CA GLY A 1 18.80 14.92 5.01
C GLY A 1 17.49 15.52 4.51
N SER A 2 16.87 14.83 3.55
CA SER A 2 15.60 15.30 2.99
C SER A 2 14.43 14.96 3.92
N SER A 3 14.44 13.74 4.45
CA SER A 3 13.39 13.30 5.35
C SER A 3 13.91 12.22 6.31
N GLY A 4 13.18 12.02 7.40
CA GLY A 4 13.58 11.03 8.38
C GLY A 4 12.39 10.38 9.07
N SER A 5 11.34 10.09 8.30
CA SER A 5 10.14 9.48 8.84
C SER A 5 10.20 7.96 8.70
N SER A 6 11.37 7.39 8.98
CA SER A 6 11.57 5.95 8.89
C SER A 6 10.30 5.20 9.29
N GLY A 7 9.72 4.48 8.33
CA GLY A 7 8.51 3.73 8.60
C GLY A 7 8.72 2.23 8.55
N GLU A 8 8.59 1.57 9.69
CA GLU A 8 8.78 0.12 9.75
C GLU A 8 7.46 -0.58 10.02
N LYS A 9 6.73 -0.88 8.96
CA LYS A 9 5.45 -1.57 9.08
C LYS A 9 5.54 -3.01 8.60
N PRO A 10 4.80 -3.90 9.27
CA PRO A 10 4.79 -5.33 8.92
C PRO A 10 4.09 -5.60 7.58
N TYR A 11 2.89 -5.06 7.44
CA TYR A 11 2.11 -5.24 6.21
C TYR A 11 2.68 -4.39 5.08
N VAL A 12 2.74 -4.98 3.89
CA VAL A 12 3.25 -4.28 2.72
C VAL A 12 2.53 -4.70 1.45
N CYS A 13 1.70 -3.81 0.93
CA CYS A 13 0.94 -4.10 -0.29
C CYS A 13 1.78 -4.86 -1.29
N SER A 14 1.17 -5.82 -1.98
CA SER A 14 1.87 -6.63 -2.96
C SER A 14 1.53 -6.16 -4.38
N ASP A 15 1.01 -4.95 -4.49
CA ASP A 15 0.65 -4.39 -5.79
C ASP A 15 1.55 -3.22 -6.16
N CYS A 16 1.85 -2.38 -5.17
CA CYS A 16 2.71 -1.22 -5.39
C CYS A 16 3.96 -1.29 -4.49
N GLY A 17 3.74 -1.58 -3.21
CA GLY A 17 4.85 -1.66 -2.28
C GLY A 17 4.68 -0.72 -1.10
N LYS A 18 3.44 -0.43 -0.74
CA LYS A 18 3.15 0.46 0.38
C LYS A 18 3.05 -0.34 1.68
N ALA A 19 3.65 0.21 2.74
CA ALA A 19 3.62 -0.44 4.05
C ALA A 19 2.55 0.17 4.93
N PHE A 20 1.83 -0.70 5.65
CA PHE A 20 0.76 -0.25 6.54
C PHE A 20 0.97 -0.80 7.95
N THR A 21 0.63 0.00 8.95
CA THR A 21 0.77 -0.39 10.34
C THR A 21 -0.34 -1.36 10.75
N PHE A 22 -1.57 -1.05 10.36
CA PHE A 22 -2.72 -1.89 10.68
C PHE A 22 -3.26 -2.58 9.45
N LYS A 23 -3.49 -3.88 9.55
CA LYS A 23 -4.00 -4.66 8.42
C LYS A 23 -5.20 -3.96 7.79
N SER A 24 -6.16 -3.57 8.61
CA SER A 24 -7.36 -2.89 8.13
C SER A 24 -7.01 -1.84 7.07
N GLN A 25 -5.98 -1.05 7.36
CA GLN A 25 -5.54 -0.01 6.45
C GLN A 25 -5.22 -0.58 5.08
N LEU A 26 -4.55 -1.73 5.07
CA LEU A 26 -4.18 -2.40 3.82
C LEU A 26 -5.42 -2.91 3.09
N ILE A 27 -6.19 -3.76 3.77
CA ILE A 27 -7.41 -4.31 3.18
C ILE A 27 -8.15 -3.27 2.37
N VAL A 28 -8.17 -2.03 2.87
CA VAL A 28 -8.85 -0.94 2.18
C VAL A 28 -8.03 -0.43 1.01
N HIS A 29 -6.72 -0.30 1.22
CA HIS A 29 -5.83 0.19 0.17
C HIS A 29 -5.86 -0.74 -1.03
N GLN A 30 -5.78 -2.05 -0.79
CA GLN A 30 -5.81 -3.04 -1.86
C GLN A 30 -6.95 -2.76 -2.82
N GLY A 31 -7.94 -1.99 -2.36
CA GLY A 31 -9.08 -1.67 -3.20
C GLY A 31 -8.83 -0.48 -4.10
N ILE A 32 -7.55 -0.16 -4.30
CA ILE A 32 -7.17 0.97 -5.13
C ILE A 32 -6.49 0.49 -6.42
N HIS A 33 -6.26 -0.81 -6.51
CA HIS A 33 -5.63 -1.39 -7.68
C HIS A 33 -6.65 -2.06 -8.59
N THR A 34 -7.87 -1.52 -8.59
CA THR A 34 -8.96 -2.05 -9.41
C THR A 34 -8.94 -1.44 -10.81
N GLY A 35 -8.74 -0.12 -10.86
CA GLY A 35 -8.71 0.56 -12.15
C GLY A 35 -8.98 2.04 -12.01
N VAL A 36 -7.93 2.82 -11.75
CA VAL A 36 -8.06 4.26 -11.61
C VAL A 36 -7.05 5.00 -12.47
N SER A 37 -7.49 6.08 -13.10
CA SER A 37 -6.62 6.88 -13.96
C SER A 37 -5.79 7.85 -13.14
N GLY A 38 -4.48 7.83 -13.37
CA GLY A 38 -3.58 8.71 -12.64
C GLY A 38 -2.52 7.95 -11.87
N PRO A 39 -1.43 7.59 -12.56
CA PRO A 39 -0.32 6.85 -11.94
C PRO A 39 0.47 7.70 -10.95
N SER A 40 0.42 9.01 -11.15
CA SER A 40 1.13 9.94 -10.28
C SER A 40 2.62 9.60 -10.24
N SER A 41 3.20 9.40 -11.42
CA SER A 41 4.62 9.08 -11.51
C SER A 41 5.32 9.95 -12.56
N GLY A 42 6.40 10.58 -12.16
CA GLY A 42 7.14 11.44 -13.07
C GLY A 42 6.29 12.57 -13.61
ZN ZN B . -0.89 -0.90 -3.27
N GLY A 1 16.49 15.79 -0.88
CA GLY A 1 15.20 15.44 -0.30
C GLY A 1 15.31 14.35 0.74
N SER A 2 16.10 14.60 1.78
CA SER A 2 16.29 13.62 2.84
C SER A 2 14.96 12.97 3.22
N SER A 3 14.99 11.66 3.43
CA SER A 3 13.79 10.91 3.79
C SER A 3 12.95 11.70 4.80
N GLY A 4 11.65 11.43 4.81
CA GLY A 4 10.76 12.12 5.72
C GLY A 4 9.62 11.24 6.19
N SER A 5 9.91 9.97 6.44
CA SER A 5 8.90 9.02 6.89
C SER A 5 9.55 7.72 7.37
N SER A 6 9.50 7.49 8.67
CA SER A 6 10.08 6.29 9.26
C SER A 6 9.04 5.50 10.04
N GLY A 7 8.89 4.23 9.69
CA GLY A 7 7.92 3.38 10.37
C GLY A 7 7.89 1.97 9.82
N GLU A 8 8.71 1.09 10.40
CA GLU A 8 8.76 -0.29 9.96
C GLU A 8 7.43 -1.00 10.18
N LYS A 9 6.59 -1.02 9.14
CA LYS A 9 5.29 -1.66 9.23
C LYS A 9 5.37 -3.10 8.74
N PRO A 10 4.59 -3.98 9.39
CA PRO A 10 4.54 -5.41 9.03
C PRO A 10 3.87 -5.65 7.68
N TYR A 11 2.68 -5.08 7.52
CA TYR A 11 1.94 -5.24 6.27
C TYR A 11 2.54 -4.38 5.16
N VAL A 12 2.72 -5.00 3.99
CA VAL A 12 3.29 -4.29 2.85
C VAL A 12 2.54 -4.64 1.56
N CYS A 13 1.86 -3.66 1.00
CA CYS A 13 1.11 -3.86 -0.24
C CYS A 13 1.89 -4.73 -1.22
N SER A 14 1.25 -5.81 -1.67
CA SER A 14 1.90 -6.73 -2.61
C SER A 14 1.56 -6.35 -4.04
N ASP A 15 1.30 -5.06 -4.27
CA ASP A 15 0.98 -4.56 -5.60
C ASP A 15 1.91 -3.43 -6.01
N CYS A 16 2.22 -2.55 -5.05
CA CYS A 16 3.10 -1.42 -5.31
C CYS A 16 4.35 -1.49 -4.43
N GLY A 17 4.14 -1.79 -3.15
CA GLY A 17 5.26 -1.88 -2.22
C GLY A 17 5.06 -1.01 -1.00
N LYS A 18 3.88 -0.42 -0.87
CA LYS A 18 3.56 0.44 0.27
C LYS A 18 3.57 -0.36 1.57
N ALA A 19 3.27 0.32 2.67
CA ALA A 19 3.24 -0.33 3.98
C ALA A 19 2.06 0.17 4.81
N PHE A 20 1.65 -0.62 5.79
CA PHE A 20 0.53 -0.25 6.66
C PHE A 20 0.64 -0.97 8.00
N THR A 21 0.44 -0.21 9.09
CA THR A 21 0.51 -0.77 10.42
C THR A 21 -0.62 -1.76 10.67
N PHE A 22 -1.84 -1.35 10.32
CA PHE A 22 -3.02 -2.20 10.51
C PHE A 22 -3.42 -2.86 9.19
N LYS A 23 -3.74 -4.15 9.25
CA LYS A 23 -4.14 -4.89 8.07
C LYS A 23 -5.28 -4.18 7.34
N SER A 24 -6.31 -3.79 8.09
CA SER A 24 -7.46 -3.10 7.51
C SER A 24 -7.01 -1.97 6.59
N GLN A 25 -6.16 -1.09 7.11
CA GLN A 25 -5.65 0.04 6.34
C GLN A 25 -5.11 -0.43 4.99
N LEU A 26 -4.50 -1.60 4.98
CA LEU A 26 -3.94 -2.16 3.74
C LEU A 26 -5.04 -2.71 2.85
N ILE A 27 -5.85 -3.61 3.41
CA ILE A 27 -6.94 -4.22 2.67
C ILE A 27 -7.73 -3.17 1.88
N VAL A 28 -7.92 -2.00 2.50
CA VAL A 28 -8.65 -0.90 1.86
C VAL A 28 -7.84 -0.30 0.73
N HIS A 29 -6.55 -0.05 0.98
CA HIS A 29 -5.67 0.53 -0.02
C HIS A 29 -5.71 -0.28 -1.31
N GLN A 30 -5.44 -1.58 -1.19
CA GLN A 30 -5.43 -2.47 -2.34
C GLN A 30 -6.50 -2.06 -3.35
N GLY A 31 -7.64 -1.60 -2.83
CA GLY A 31 -8.73 -1.19 -3.70
C GLY A 31 -8.31 -0.16 -4.73
N ILE A 32 -7.57 0.85 -4.27
CA ILE A 32 -7.10 1.90 -5.17
C ILE A 32 -6.54 1.31 -6.47
N HIS A 33 -5.97 0.12 -6.36
CA HIS A 33 -5.40 -0.56 -7.53
C HIS A 33 -6.49 -1.10 -8.43
N THR A 34 -7.31 -2.00 -7.89
CA THR A 34 -8.40 -2.60 -8.65
C THR A 34 -9.58 -1.65 -8.76
N GLY A 35 -10.07 -1.46 -9.98
CA GLY A 35 -11.20 -0.57 -10.20
C GLY A 35 -11.40 -0.23 -11.65
N VAL A 36 -10.39 0.39 -12.26
CA VAL A 36 -10.47 0.76 -13.67
C VAL A 36 -11.23 -0.27 -14.48
N SER A 37 -11.95 0.19 -15.49
CA SER A 37 -12.73 -0.70 -16.35
C SER A 37 -12.87 -0.11 -17.75
N GLY A 38 -12.91 -1.00 -18.74
CA GLY A 38 -13.03 -0.56 -20.12
C GLY A 38 -11.97 -1.14 -21.03
N PRO A 39 -10.74 -0.63 -20.90
CA PRO A 39 -9.60 -1.09 -21.70
C PRO A 39 -9.16 -2.51 -21.32
N SER A 40 -8.46 -3.17 -22.24
CA SER A 40 -7.99 -4.53 -22.01
C SER A 40 -6.53 -4.52 -21.54
N SER A 41 -6.33 -4.68 -20.24
CA SER A 41 -4.99 -4.70 -19.66
C SER A 41 -4.21 -5.92 -20.13
N GLY A 42 -4.84 -7.09 -20.05
CA GLY A 42 -4.20 -8.32 -20.46
C GLY A 42 -3.91 -8.35 -21.95
ZN ZN B . -0.62 -0.56 -3.38
N GLY A 1 6.52 17.54 7.81
CA GLY A 1 7.32 17.19 8.97
C GLY A 1 6.93 15.86 9.57
N SER A 2 7.62 14.80 9.15
CA SER A 2 7.33 13.46 9.65
C SER A 2 8.27 13.09 10.80
N SER A 3 7.71 12.85 11.97
CA SER A 3 8.50 12.49 13.14
C SER A 3 8.49 10.99 13.36
N GLY A 4 9.65 10.44 13.72
CA GLY A 4 9.76 9.01 13.95
C GLY A 4 11.13 8.48 13.57
N SER A 5 11.95 8.19 14.58
CA SER A 5 13.30 7.68 14.35
C SER A 5 13.25 6.44 13.45
N SER A 6 12.31 5.55 13.73
CA SER A 6 12.16 4.32 12.95
C SER A 6 10.74 3.78 13.05
N GLY A 7 10.05 3.72 11.90
CA GLY A 7 8.69 3.23 11.88
C GLY A 7 8.46 2.24 10.76
N GLU A 8 8.84 0.98 10.99
CA GLU A 8 8.66 -0.07 9.99
C GLU A 8 7.36 -0.83 10.22
N LYS A 9 6.45 -0.71 9.26
CA LYS A 9 5.16 -1.39 9.35
C LYS A 9 5.28 -2.85 8.95
N PRO A 10 4.53 -3.73 9.63
CA PRO A 10 4.54 -5.17 9.35
C PRO A 10 3.89 -5.50 8.01
N TYR A 11 2.70 -4.96 7.78
CA TYR A 11 1.97 -5.21 6.54
C TYR A 11 2.58 -4.42 5.39
N VAL A 12 2.68 -5.05 4.22
CA VAL A 12 3.24 -4.40 3.05
C VAL A 12 2.57 -4.91 1.77
N CYS A 13 1.89 -4.01 1.07
CA CYS A 13 1.20 -4.37 -0.16
C CYS A 13 2.14 -5.09 -1.12
N SER A 14 1.58 -5.81 -2.09
CA SER A 14 2.36 -6.55 -3.06
C SER A 14 2.31 -5.87 -4.43
N ASP A 15 1.16 -5.26 -4.74
CA ASP A 15 0.98 -4.58 -6.01
C ASP A 15 2.02 -3.47 -6.19
N CYS A 16 1.98 -2.49 -5.30
CA CYS A 16 2.91 -1.36 -5.35
C CYS A 16 4.05 -1.55 -4.34
N GLY A 17 3.69 -2.00 -3.14
CA GLY A 17 4.69 -2.23 -2.11
C GLY A 17 4.59 -1.21 -0.99
N LYS A 18 3.40 -0.68 -0.78
CA LYS A 18 3.16 0.30 0.27
C LYS A 18 3.01 -0.37 1.63
N ALA A 19 3.64 0.20 2.64
CA ALA A 19 3.57 -0.34 3.99
C ALA A 19 2.36 0.21 4.75
N PHE A 20 1.80 -0.59 5.65
CA PHE A 20 0.64 -0.19 6.43
C PHE A 20 0.75 -0.69 7.86
N THR A 21 0.47 0.20 8.82
CA THR A 21 0.54 -0.16 10.23
C THR A 21 -0.56 -1.14 10.61
N PHE A 22 -1.76 -0.92 10.06
CA PHE A 22 -2.90 -1.79 10.35
C PHE A 22 -3.28 -2.60 9.11
N LYS A 23 -3.68 -3.84 9.33
CA LYS A 23 -4.08 -4.73 8.24
C LYS A 23 -5.24 -4.13 7.44
N SER A 24 -6.27 -3.68 8.16
CA SER A 24 -7.43 -3.08 7.52
C SER A 24 -7.02 -2.02 6.50
N GLN A 25 -6.09 -1.17 6.89
CA GLN A 25 -5.60 -0.10 6.02
C GLN A 25 -5.16 -0.67 4.67
N LEU A 26 -4.45 -1.80 4.71
CA LEU A 26 -3.97 -2.45 3.50
C LEU A 26 -5.14 -2.96 2.65
N ILE A 27 -5.99 -3.78 3.25
CA ILE A 27 -7.14 -4.33 2.56
C ILE A 27 -7.88 -3.25 1.77
N VAL A 28 -8.09 -2.11 2.41
CA VAL A 28 -8.78 -1.00 1.78
C VAL A 28 -7.95 -0.41 0.64
N HIS A 29 -6.66 -0.24 0.88
CA HIS A 29 -5.76 0.31 -0.13
C HIS A 29 -5.82 -0.51 -1.41
N GLN A 30 -5.63 -1.82 -1.29
CA GLN A 30 -5.67 -2.71 -2.44
C GLN A 30 -6.69 -2.24 -3.46
N GLY A 31 -7.83 -1.75 -2.97
CA GLY A 31 -8.87 -1.27 -3.86
C GLY A 31 -8.35 -0.30 -4.90
N ILE A 32 -7.62 0.72 -4.46
CA ILE A 32 -7.06 1.71 -5.35
C ILE A 32 -6.50 1.07 -6.61
N HIS A 33 -5.99 -0.16 -6.47
CA HIS A 33 -5.42 -0.89 -7.60
C HIS A 33 -6.53 -1.44 -8.50
N THR A 34 -7.44 -2.22 -7.90
CA THR A 34 -8.54 -2.82 -8.65
C THR A 34 -9.76 -1.89 -8.66
N GLY A 35 -9.50 -0.59 -8.76
CA GLY A 35 -10.58 0.37 -8.79
C GLY A 35 -10.17 1.70 -9.40
N VAL A 36 -10.49 2.80 -8.72
CA VAL A 36 -10.15 4.12 -9.21
C VAL A 36 -9.00 4.73 -8.40
N SER A 37 -7.94 5.13 -9.10
CA SER A 37 -6.79 5.73 -8.44
C SER A 37 -6.55 7.15 -8.94
N GLY A 38 -5.73 7.90 -8.20
CA GLY A 38 -5.43 9.27 -8.58
C GLY A 38 -3.97 9.61 -8.41
N PRO A 39 -3.62 10.17 -7.24
CA PRO A 39 -2.25 10.56 -6.93
C PRO A 39 -1.33 9.35 -6.73
N SER A 40 -0.22 9.35 -7.44
CA SER A 40 0.75 8.26 -7.35
C SER A 40 2.18 8.78 -7.38
N SER A 41 3.03 8.21 -6.53
CA SER A 41 4.42 8.61 -6.46
C SER A 41 5.35 7.41 -6.53
N GLY A 42 5.21 6.51 -5.58
CA GLY A 42 6.04 5.31 -5.55
C GLY A 42 5.27 4.08 -5.12
ZN ZN B . -0.55 -1.30 -3.36
N GLY A 1 15.46 16.42 2.16
CA GLY A 1 15.36 16.88 3.54
C GLY A 1 14.93 15.78 4.47
N SER A 2 15.60 14.64 4.41
CA SER A 2 15.28 13.50 5.26
C SER A 2 14.92 13.96 6.67
N SER A 3 13.75 13.57 7.14
CA SER A 3 13.29 13.94 8.47
C SER A 3 13.27 12.74 9.41
N GLY A 4 13.06 12.99 10.69
CA GLY A 4 13.03 11.92 11.67
C GLY A 4 11.83 11.02 11.49
N SER A 5 11.91 10.11 10.52
CA SER A 5 10.82 9.18 10.24
C SER A 5 11.35 7.89 9.64
N SER A 6 10.49 6.88 9.56
CA SER A 6 10.87 5.59 9.00
C SER A 6 9.63 4.81 8.55
N GLY A 7 9.87 3.66 7.90
CA GLY A 7 8.77 2.84 7.44
C GLY A 7 8.81 1.45 8.01
N GLU A 8 8.63 1.35 9.33
CA GLU A 8 8.66 0.05 10.01
C GLU A 8 7.23 -0.46 10.23
N LYS A 9 6.76 -1.28 9.31
CA LYS A 9 5.41 -1.83 9.40
C LYS A 9 5.39 -3.29 8.93
N PRO A 10 4.57 -4.11 9.59
CA PRO A 10 4.44 -5.53 9.26
C PRO A 10 3.73 -5.75 7.92
N TYR A 11 2.58 -5.11 7.74
CA TYR A 11 1.81 -5.24 6.52
C TYR A 11 2.48 -4.47 5.37
N VAL A 12 2.58 -5.13 4.22
CA VAL A 12 3.20 -4.51 3.05
C VAL A 12 2.49 -4.94 1.77
N CYS A 13 1.97 -3.96 1.04
CA CYS A 13 1.26 -4.23 -0.21
C CYS A 13 2.17 -4.94 -1.21
N SER A 14 1.57 -5.59 -2.19
CA SER A 14 2.33 -6.31 -3.21
C SER A 14 2.29 -5.57 -4.54
N ASP A 15 1.14 -4.95 -4.83
CA ASP A 15 0.98 -4.20 -6.07
C ASP A 15 2.03 -3.11 -6.19
N CYS A 16 1.97 -2.13 -5.30
CA CYS A 16 2.92 -1.02 -5.32
C CYS A 16 4.05 -1.27 -4.33
N GLY A 17 3.70 -1.77 -3.14
CA GLY A 17 4.70 -2.05 -2.13
C GLY A 17 4.61 -1.11 -0.94
N LYS A 18 3.43 -0.51 -0.77
CA LYS A 18 3.21 0.42 0.34
C LYS A 18 3.01 -0.34 1.65
N ALA A 19 3.74 0.09 2.69
CA ALA A 19 3.65 -0.54 4.00
C ALA A 19 2.48 0.03 4.79
N PHE A 20 1.96 -0.76 5.74
CA PHE A 20 0.84 -0.33 6.56
C PHE A 20 0.96 -0.91 7.97
N THR A 21 0.62 -0.10 8.97
CA THR A 21 0.69 -0.54 10.36
C THR A 21 -0.41 -1.55 10.67
N PHE A 22 -1.63 -1.27 10.22
CA PHE A 22 -2.77 -2.15 10.45
C PHE A 22 -3.18 -2.84 9.16
N LYS A 23 -3.87 -3.97 9.30
CA LYS A 23 -4.33 -4.73 8.14
C LYS A 23 -5.44 -3.98 7.40
N SER A 24 -6.47 -3.59 8.13
CA SER A 24 -7.59 -2.87 7.54
C SER A 24 -7.10 -1.79 6.59
N GLN A 25 -6.10 -1.03 7.02
CA GLN A 25 -5.54 0.04 6.20
C GLN A 25 -5.09 -0.50 4.84
N LEU A 26 -4.50 -1.69 4.84
CA LEU A 26 -4.04 -2.31 3.61
C LEU A 26 -5.20 -2.76 2.75
N ILE A 27 -6.08 -3.59 3.32
CA ILE A 27 -7.24 -4.09 2.61
C ILE A 27 -7.92 -2.99 1.81
N VAL A 28 -8.18 -1.86 2.47
CA VAL A 28 -8.82 -0.72 1.83
C VAL A 28 -7.93 -0.14 0.73
N HIS A 29 -6.64 -0.06 1.00
CA HIS A 29 -5.68 0.47 0.04
C HIS A 29 -5.68 -0.36 -1.23
N GLN A 30 -5.45 -1.65 -1.10
CA GLN A 30 -5.41 -2.56 -2.24
C GLN A 30 -6.48 -2.18 -3.25
N GLY A 31 -7.64 -1.75 -2.76
CA GLY A 31 -8.73 -1.36 -3.65
C GLY A 31 -8.29 -0.37 -4.70
N ILE A 32 -7.61 0.69 -4.27
CA ILE A 32 -7.13 1.72 -5.18
C ILE A 32 -6.55 1.10 -6.45
N HIS A 33 -5.99 -0.10 -6.31
CA HIS A 33 -5.40 -0.79 -7.45
C HIS A 33 -6.48 -1.39 -8.35
N THR A 34 -7.32 -2.23 -7.76
CA THR A 34 -8.40 -2.87 -8.51
C THR A 34 -9.59 -1.92 -8.68
N GLY A 35 -9.89 -1.56 -9.92
CA GLY A 35 -10.99 -0.67 -10.19
C GLY A 35 -10.61 0.47 -11.12
N VAL A 36 -11.17 1.65 -10.87
CA VAL A 36 -10.89 2.82 -11.69
C VAL A 36 -9.39 3.12 -11.72
N SER A 37 -8.84 3.23 -12.92
CA SER A 37 -7.42 3.52 -13.09
C SER A 37 -7.02 4.76 -12.30
N GLY A 38 -5.85 4.70 -11.67
CA GLY A 38 -5.37 5.83 -10.89
C GLY A 38 -3.97 6.25 -11.28
N PRO A 39 -2.97 5.72 -10.55
CA PRO A 39 -1.56 6.04 -10.80
C PRO A 39 -1.06 5.43 -12.12
N SER A 40 0.00 6.01 -12.66
CA SER A 40 0.58 5.53 -13.91
C SER A 40 1.52 4.37 -13.66
N SER A 41 0.98 3.15 -13.67
CA SER A 41 1.78 1.96 -13.44
C SER A 41 2.81 2.19 -12.35
N GLY A 42 2.40 2.90 -11.29
CA GLY A 42 3.30 3.18 -10.19
C GLY A 42 4.70 3.54 -10.66
ZN ZN B . -0.54 -0.98 -3.24
N GLY A 1 25.05 10.37 -1.96
CA GLY A 1 23.67 9.92 -1.83
C GLY A 1 23.45 9.02 -0.63
N SER A 2 22.31 8.36 -0.59
CA SER A 2 21.98 7.46 0.52
C SER A 2 20.74 6.63 0.19
N SER A 3 20.54 5.56 0.96
CA SER A 3 19.41 4.67 0.75
C SER A 3 18.83 4.21 2.09
N GLY A 4 17.50 4.12 2.15
CA GLY A 4 16.85 3.70 3.37
C GLY A 4 15.37 4.04 3.38
N SER A 5 14.70 3.75 4.50
CA SER A 5 13.28 4.03 4.64
C SER A 5 12.93 4.39 6.07
N SER A 6 11.78 5.03 6.26
CA SER A 6 11.33 5.43 7.59
C SER A 6 9.92 4.91 7.86
N GLY A 7 9.66 3.67 7.46
CA GLY A 7 8.35 3.08 7.66
C GLY A 7 8.43 1.63 8.08
N GLU A 8 8.38 1.38 9.38
CA GLU A 8 8.45 0.02 9.91
C GLU A 8 7.05 -0.54 10.14
N LYS A 9 6.59 -1.37 9.21
CA LYS A 9 5.26 -1.98 9.32
C LYS A 9 5.27 -3.40 8.75
N PRO A 10 4.49 -4.29 9.38
CA PRO A 10 4.40 -5.69 8.96
C PRO A 10 3.66 -5.84 7.63
N TYR A 11 2.49 -5.22 7.54
CA TYR A 11 1.68 -5.28 6.33
C TYR A 11 2.31 -4.46 5.21
N VAL A 12 2.43 -5.06 4.03
CA VAL A 12 3.01 -4.39 2.88
C VAL A 12 2.27 -4.75 1.59
N CYS A 13 1.70 -3.74 0.95
CA CYS A 13 0.97 -3.95 -0.30
C CYS A 13 1.82 -4.69 -1.32
N SER A 14 1.16 -5.35 -2.26
CA SER A 14 1.86 -6.11 -3.30
C SER A 14 1.82 -5.36 -4.63
N ASP A 15 0.73 -4.65 -4.88
CA ASP A 15 0.57 -3.90 -6.12
C ASP A 15 1.72 -2.89 -6.28
N CYS A 16 1.79 -1.92 -5.38
CA CYS A 16 2.83 -0.90 -5.43
C CYS A 16 3.98 -1.26 -4.49
N GLY A 17 3.65 -1.72 -3.29
CA GLY A 17 4.66 -2.09 -2.32
C GLY A 17 4.63 -1.21 -1.09
N LYS A 18 3.50 -0.55 -0.86
CA LYS A 18 3.34 0.32 0.30
C LYS A 18 3.32 -0.49 1.59
N ALA A 19 3.42 0.21 2.72
CA ALA A 19 3.40 -0.44 4.02
C ALA A 19 2.32 0.14 4.92
N PHE A 20 1.75 -0.71 5.77
CA PHE A 20 0.69 -0.28 6.68
C PHE A 20 0.81 -0.98 8.02
N THR A 21 0.53 -0.25 9.10
CA THR A 21 0.62 -0.80 10.44
C THR A 21 -0.52 -1.78 10.71
N PHE A 22 -1.72 -1.41 10.30
CA PHE A 22 -2.89 -2.26 10.50
C PHE A 22 -3.32 -2.90 9.18
N LYS A 23 -3.90 -4.09 9.27
CA LYS A 23 -4.35 -4.83 8.09
C LYS A 23 -5.46 -4.08 7.38
N SER A 24 -6.48 -3.67 8.14
CA SER A 24 -7.61 -2.94 7.58
C SER A 24 -7.13 -1.85 6.62
N GLN A 25 -6.15 -1.07 7.07
CA GLN A 25 -5.60 0.01 6.25
C GLN A 25 -5.15 -0.51 4.89
N LEU A 26 -4.43 -1.63 4.90
CA LEU A 26 -3.94 -2.23 3.66
C LEU A 26 -5.10 -2.67 2.78
N ILE A 27 -5.97 -3.50 3.32
CA ILE A 27 -7.13 -3.99 2.58
C ILE A 27 -7.80 -2.87 1.80
N VAL A 28 -8.05 -1.75 2.46
CA VAL A 28 -8.68 -0.60 1.83
C VAL A 28 -7.78 -0.02 0.75
N HIS A 29 -6.49 0.08 1.05
CA HIS A 29 -5.53 0.63 0.10
C HIS A 29 -5.48 -0.21 -1.18
N GLN A 30 -5.18 -1.49 -1.03
CA GLN A 30 -5.10 -2.40 -2.17
C GLN A 30 -6.20 -2.09 -3.18
N GLY A 31 -7.30 -1.52 -2.70
CA GLY A 31 -8.40 -1.18 -3.59
C GLY A 31 -7.99 -0.21 -4.68
N ILE A 32 -7.35 0.88 -4.29
CA ILE A 32 -6.90 1.89 -5.24
C ILE A 32 -6.34 1.24 -6.51
N HIS A 33 -5.78 0.04 -6.34
CA HIS A 33 -5.20 -0.68 -7.47
C HIS A 33 -6.27 -1.52 -8.18
N THR A 34 -6.93 -2.39 -7.42
CA THR A 34 -7.97 -3.25 -7.96
C THR A 34 -9.25 -2.47 -8.23
N GLY A 35 -9.56 -2.26 -9.51
CA GLY A 35 -10.74 -1.53 -9.88
C GLY A 35 -10.51 -0.55 -11.01
N VAL A 36 -11.25 -0.71 -12.10
CA VAL A 36 -11.11 0.16 -13.26
C VAL A 36 -11.54 1.58 -12.93
N SER A 37 -10.59 2.52 -13.01
CA SER A 37 -10.88 3.91 -12.72
C SER A 37 -10.19 4.82 -13.74
N GLY A 38 -10.86 5.91 -14.09
CA GLY A 38 -10.31 6.85 -15.04
C GLY A 38 -10.23 6.28 -16.44
N PRO A 39 -9.91 7.14 -17.42
CA PRO A 39 -9.81 6.72 -18.83
C PRO A 39 -8.60 5.84 -19.08
N SER A 40 -8.83 4.53 -19.16
CA SER A 40 -7.76 3.57 -19.40
C SER A 40 -7.87 2.98 -20.79
N SER A 41 -6.84 2.21 -21.18
CA SER A 41 -6.82 1.58 -22.50
C SER A 41 -7.26 0.13 -22.41
N GLY A 42 -6.71 -0.60 -21.43
CA GLY A 42 -7.06 -1.99 -21.25
C GLY A 42 -8.52 -2.28 -21.59
ZN ZN B . -0.53 -0.49 -3.21
N GLY A 1 3.27 13.20 -4.13
CA GLY A 1 4.70 13.32 -3.86
C GLY A 1 5.16 12.42 -2.73
N SER A 2 6.07 11.50 -3.06
CA SER A 2 6.59 10.56 -2.08
C SER A 2 7.94 11.04 -1.53
N SER A 3 7.90 11.64 -0.34
CA SER A 3 9.11 12.15 0.29
C SER A 3 9.34 11.49 1.64
N GLY A 4 9.11 10.17 1.70
CA GLY A 4 9.30 9.44 2.93
C GLY A 4 8.09 8.60 3.29
N SER A 5 7.84 7.56 2.50
CA SER A 5 6.69 6.68 2.74
C SER A 5 7.13 5.39 3.44
N SER A 6 8.04 4.67 2.79
CA SER A 6 8.55 3.42 3.34
C SER A 6 8.86 3.56 4.83
N GLY A 7 7.97 3.05 5.67
CA GLY A 7 8.17 3.14 7.11
C GLY A 7 8.09 1.78 7.79
N GLU A 8 8.50 1.73 9.05
CA GLU A 8 8.49 0.49 9.81
C GLU A 8 7.06 -0.01 10.00
N LYS A 9 6.63 -0.92 9.14
CA LYS A 9 5.29 -1.48 9.22
C LYS A 9 5.28 -2.95 8.82
N PRO A 10 4.44 -3.75 9.49
CA PRO A 10 4.31 -5.18 9.22
C PRO A 10 3.66 -5.46 7.87
N TYR A 11 2.52 -4.84 7.63
CA TYR A 11 1.79 -5.03 6.39
C TYR A 11 2.46 -4.26 5.24
N VAL A 12 2.59 -4.91 4.09
CA VAL A 12 3.21 -4.30 2.93
C VAL A 12 2.56 -4.79 1.64
N CYS A 13 1.88 -3.88 0.94
CA CYS A 13 1.21 -4.22 -0.31
C CYS A 13 2.17 -4.94 -1.26
N SER A 14 1.62 -5.75 -2.16
CA SER A 14 2.41 -6.50 -3.12
C SER A 14 2.34 -5.86 -4.50
N ASP A 15 1.18 -5.29 -4.82
CA ASP A 15 0.97 -4.65 -6.12
C ASP A 15 2.01 -3.55 -6.35
N CYS A 16 1.98 -2.53 -5.50
CA CYS A 16 2.92 -1.41 -5.61
C CYS A 16 4.07 -1.57 -4.63
N GLY A 17 3.75 -2.03 -3.42
CA GLY A 17 4.77 -2.22 -2.40
C GLY A 17 4.60 -1.28 -1.23
N LYS A 18 3.41 -0.71 -1.10
CA LYS A 18 3.12 0.22 -0.01
C LYS A 18 3.24 -0.47 1.35
N ALA A 19 3.08 0.30 2.42
CA ALA A 19 3.17 -0.24 3.77
C ALA A 19 2.07 0.32 4.66
N PHE A 20 1.59 -0.49 5.59
CA PHE A 20 0.53 -0.07 6.50
C PHE A 20 0.73 -0.68 7.89
N THR A 21 0.33 0.06 8.91
CA THR A 21 0.47 -0.41 10.29
C THR A 21 -0.64 -1.38 10.65
N PHE A 22 -1.87 -1.05 10.25
CA PHE A 22 -3.02 -1.90 10.53
C PHE A 22 -3.38 -2.76 9.32
N LYS A 23 -3.92 -3.94 9.57
CA LYS A 23 -4.31 -4.85 8.51
C LYS A 23 -5.38 -4.22 7.62
N SER A 24 -6.48 -3.81 8.24
CA SER A 24 -7.58 -3.19 7.52
C SER A 24 -7.08 -2.11 6.57
N GLN A 25 -6.18 -1.27 7.08
CA GLN A 25 -5.61 -0.18 6.29
C GLN A 25 -5.14 -0.69 4.93
N LEU A 26 -4.47 -1.84 4.95
CA LEU A 26 -3.95 -2.44 3.72
C LEU A 26 -5.09 -2.86 2.80
N ILE A 27 -6.00 -3.68 3.33
CA ILE A 27 -7.14 -4.16 2.57
C ILE A 27 -7.81 -3.01 1.80
N VAL A 28 -8.00 -1.89 2.48
CA VAL A 28 -8.62 -0.72 1.86
C VAL A 28 -7.75 -0.16 0.75
N HIS A 29 -6.45 -0.09 1.00
CA HIS A 29 -5.51 0.43 0.02
C HIS A 29 -5.53 -0.41 -1.25
N GLN A 30 -5.22 -1.70 -1.11
CA GLN A 30 -5.20 -2.61 -2.26
C GLN A 30 -6.35 -2.29 -3.22
N GLY A 31 -7.44 -1.76 -2.68
CA GLY A 31 -8.59 -1.42 -3.51
C GLY A 31 -8.23 -0.45 -4.62
N ILE A 32 -7.48 0.60 -4.27
CA ILE A 32 -7.08 1.60 -5.25
C ILE A 32 -6.60 0.95 -6.54
N HIS A 33 -6.02 -0.24 -6.43
CA HIS A 33 -5.53 -0.97 -7.59
C HIS A 33 -6.68 -1.44 -8.47
N THR A 34 -7.45 -2.39 -7.96
CA THR A 34 -8.59 -2.92 -8.71
C THR A 34 -9.56 -1.82 -9.10
N GLY A 35 -9.44 -0.67 -8.44
CA GLY A 35 -10.31 0.45 -8.72
C GLY A 35 -9.72 1.40 -9.75
N VAL A 36 -9.39 2.61 -9.32
CA VAL A 36 -8.81 3.61 -10.21
C VAL A 36 -7.66 3.02 -11.03
N SER A 37 -7.66 3.30 -12.33
CA SER A 37 -6.62 2.80 -13.21
C SER A 37 -5.71 3.94 -13.68
N GLY A 38 -4.56 3.57 -14.25
CA GLY A 38 -3.62 4.56 -14.73
C GLY A 38 -2.30 3.96 -15.15
N PRO A 39 -1.25 4.79 -15.20
CA PRO A 39 0.09 4.35 -15.60
C PRO A 39 0.73 3.45 -14.55
N SER A 40 -0.01 3.15 -13.50
CA SER A 40 0.49 2.29 -12.42
C SER A 40 0.91 0.93 -12.95
N SER A 41 0.06 0.34 -13.79
CA SER A 41 0.35 -0.96 -14.39
C SER A 41 1.45 -0.86 -15.43
N GLY A 42 2.62 -1.40 -15.10
CA GLY A 42 3.75 -1.36 -16.01
C GLY A 42 5.08 -1.23 -15.29
ZN ZN B . -0.53 -1.13 -3.43
N GLY A 1 23.28 4.27 -0.01
CA GLY A 1 22.00 3.59 -0.17
C GLY A 1 20.90 4.22 0.67
N SER A 2 19.72 4.35 0.09
CA SER A 2 18.58 4.94 0.79
C SER A 2 17.38 4.01 0.78
N SER A 3 17.35 3.10 1.75
CA SER A 3 16.25 2.13 1.86
C SER A 3 15.10 2.71 2.67
N GLY A 4 15.40 3.15 3.89
CA GLY A 4 14.37 3.72 4.73
C GLY A 4 14.89 4.01 6.13
N SER A 5 14.55 5.19 6.65
CA SER A 5 14.99 5.59 7.98
C SER A 5 13.94 5.21 9.04
N SER A 6 12.68 5.45 8.71
CA SER A 6 11.58 5.14 9.62
C SER A 6 10.43 4.47 8.88
N GLY A 7 9.60 3.73 9.62
CA GLY A 7 8.48 3.05 9.02
C GLY A 7 8.78 1.59 8.71
N GLU A 8 8.50 0.71 9.67
CA GLU A 8 8.74 -0.71 9.49
C GLU A 8 7.47 -1.52 9.72
N LYS A 9 6.37 -1.07 9.12
CA LYS A 9 5.09 -1.75 9.27
C LYS A 9 5.18 -3.20 8.79
N PRO A 10 4.45 -4.08 9.47
CA PRO A 10 4.43 -5.51 9.14
C PRO A 10 3.73 -5.80 7.82
N TYR A 11 2.57 -5.18 7.61
CA TYR A 11 1.81 -5.36 6.38
C TYR A 11 2.39 -4.52 5.24
N VAL A 12 2.73 -5.19 4.16
CA VAL A 12 3.30 -4.51 2.99
C VAL A 12 2.62 -4.96 1.70
N CYS A 13 1.98 -4.01 1.02
CA CYS A 13 1.28 -4.30 -0.23
C CYS A 13 2.22 -4.99 -1.22
N SER A 14 1.63 -5.77 -2.13
CA SER A 14 2.40 -6.50 -3.13
C SER A 14 2.35 -5.79 -4.48
N ASP A 15 1.23 -5.15 -4.76
CA ASP A 15 1.04 -4.42 -6.01
C ASP A 15 2.12 -3.35 -6.17
N CYS A 16 2.04 -2.31 -5.35
CA CYS A 16 3.00 -1.22 -5.39
C CYS A 16 4.08 -1.39 -4.34
N GLY A 17 3.68 -1.79 -3.14
CA GLY A 17 4.63 -1.98 -2.06
C GLY A 17 4.42 -1.02 -0.92
N LYS A 18 3.20 -0.50 -0.79
CA LYS A 18 2.88 0.45 0.27
C LYS A 18 2.70 -0.28 1.60
N ALA A 19 3.41 0.20 2.62
CA ALA A 19 3.33 -0.40 3.94
C ALA A 19 2.14 0.15 4.72
N PHE A 20 1.64 -0.64 5.66
CA PHE A 20 0.50 -0.24 6.47
C PHE A 20 0.58 -0.84 7.88
N THR A 21 0.52 0.02 8.89
CA THR A 21 0.59 -0.43 10.28
C THR A 21 -0.55 -1.39 10.60
N PHE A 22 -1.75 -1.05 10.14
CA PHE A 22 -2.92 -1.88 10.39
C PHE A 22 -3.34 -2.63 9.13
N LYS A 23 -3.71 -3.90 9.28
CA LYS A 23 -4.13 -4.72 8.15
C LYS A 23 -5.28 -4.05 7.39
N SER A 24 -6.25 -3.52 8.14
CA SER A 24 -7.41 -2.86 7.54
C SER A 24 -6.96 -1.82 6.52
N GLN A 25 -6.00 -0.99 6.91
CA GLN A 25 -5.49 0.05 6.03
C GLN A 25 -5.11 -0.51 4.67
N LEU A 26 -4.43 -1.66 4.68
CA LEU A 26 -4.00 -2.31 3.45
C LEU A 26 -5.20 -2.79 2.64
N ILE A 27 -6.05 -3.61 3.27
CA ILE A 27 -7.23 -4.13 2.62
C ILE A 27 -7.94 -3.04 1.80
N VAL A 28 -8.09 -1.87 2.41
CA VAL A 28 -8.74 -0.74 1.75
C VAL A 28 -7.87 -0.18 0.63
N HIS A 29 -6.56 -0.15 0.87
CA HIS A 29 -5.61 0.36 -0.10
C HIS A 29 -5.65 -0.46 -1.38
N GLN A 30 -5.49 -1.77 -1.24
CA GLN A 30 -5.51 -2.68 -2.39
C GLN A 30 -6.59 -2.27 -3.39
N GLY A 31 -7.66 -1.67 -2.88
CA GLY A 31 -8.75 -1.25 -3.73
C GLY A 31 -8.31 -0.26 -4.79
N ILE A 32 -7.47 0.70 -4.39
CA ILE A 32 -6.97 1.71 -5.31
C ILE A 32 -6.34 1.06 -6.54
N HIS A 33 -5.85 -0.16 -6.38
CA HIS A 33 -5.22 -0.88 -7.47
C HIS A 33 -6.27 -1.54 -8.36
N THR A 34 -7.20 -2.26 -7.73
CA THR A 34 -8.26 -2.95 -8.46
C THR A 34 -9.13 -1.95 -9.23
N GLY A 35 -9.53 -0.88 -8.56
CA GLY A 35 -10.36 0.12 -9.19
C GLY A 35 -11.73 0.23 -8.55
N VAL A 36 -12.62 0.98 -9.19
CA VAL A 36 -13.97 1.17 -8.67
C VAL A 36 -15.01 0.67 -9.67
N SER A 37 -16.23 0.48 -9.20
CA SER A 37 -17.32 0.00 -10.05
C SER A 37 -17.80 1.10 -10.99
N GLY A 38 -17.98 0.75 -12.27
CA GLY A 38 -18.43 1.72 -13.25
C GLY A 38 -19.08 1.07 -14.45
N PRO A 39 -18.27 0.81 -15.49
CA PRO A 39 -18.75 0.18 -16.72
C PRO A 39 -19.13 -1.28 -16.52
N SER A 40 -18.86 -1.80 -15.33
CA SER A 40 -19.17 -3.18 -15.01
C SER A 40 -18.31 -4.14 -15.83
N SER A 41 -17.00 -3.87 -15.86
CA SER A 41 -16.08 -4.70 -16.61
C SER A 41 -15.18 -5.51 -15.66
N GLY A 42 -14.99 -6.78 -15.99
CA GLY A 42 -14.17 -7.64 -15.16
C GLY A 42 -14.87 -8.93 -14.77
ZN ZN B . -0.29 -0.98 -3.21
N GLY A 1 2.17 15.35 0.89
CA GLY A 1 1.96 14.22 1.76
C GLY A 1 2.87 13.05 1.45
N SER A 2 4.06 13.04 2.07
CA SER A 2 5.03 11.98 1.85
C SER A 2 4.48 10.63 2.29
N SER A 3 4.79 9.59 1.53
CA SER A 3 4.33 8.25 1.85
C SER A 3 4.86 7.79 3.20
N GLY A 4 6.17 7.77 3.35
CA GLY A 4 6.78 7.35 4.60
C GLY A 4 8.30 7.36 4.53
N SER A 5 8.89 8.51 4.82
CA SER A 5 10.35 8.64 4.79
C SER A 5 11.02 7.42 5.41
N SER A 6 10.47 6.94 6.52
CA SER A 6 11.01 5.78 7.21
C SER A 6 9.93 5.08 8.03
N GLY A 7 9.82 3.77 7.83
CA GLY A 7 8.83 2.99 8.55
C GLY A 7 8.96 1.50 8.30
N GLU A 8 9.06 0.73 9.38
CA GLU A 8 9.18 -0.72 9.26
C GLU A 8 7.84 -1.41 9.45
N LYS A 9 6.79 -0.83 8.85
CA LYS A 9 5.45 -1.38 8.96
C LYS A 9 5.43 -2.86 8.58
N PRO A 10 4.62 -3.65 9.30
CA PRO A 10 4.50 -5.09 9.06
C PRO A 10 3.79 -5.40 7.74
N TYR A 11 2.63 -4.78 7.54
CA TYR A 11 1.85 -4.98 6.34
C TYR A 11 2.49 -4.28 5.14
N VAL A 12 2.79 -5.04 4.10
CA VAL A 12 3.41 -4.49 2.90
C VAL A 12 2.67 -4.95 1.64
N CYS A 13 1.99 -4.01 0.98
CA CYS A 13 1.25 -4.33 -0.22
C CYS A 13 2.13 -5.06 -1.24
N SER A 14 1.49 -5.87 -2.08
CA SER A 14 2.22 -6.63 -3.09
C SER A 14 2.12 -5.95 -4.46
N ASP A 15 1.01 -5.27 -4.69
CA ASP A 15 0.79 -4.57 -5.96
C ASP A 15 1.86 -3.51 -6.19
N CYS A 16 1.83 -2.46 -5.37
CA CYS A 16 2.79 -1.37 -5.48
C CYS A 16 3.90 -1.52 -4.43
N GLY A 17 3.50 -1.85 -3.21
CA GLY A 17 4.46 -2.01 -2.14
C GLY A 17 4.20 -1.07 -0.98
N LYS A 18 2.99 -0.52 -0.92
CA LYS A 18 2.62 0.40 0.14
C LYS A 18 2.52 -0.31 1.48
N ALA A 19 3.28 0.16 2.46
CA ALA A 19 3.28 -0.43 3.79
C ALA A 19 2.21 0.19 4.67
N PHE A 20 1.79 -0.52 5.71
CA PHE A 20 0.78 -0.02 6.63
C PHE A 20 0.97 -0.61 8.02
N THR A 21 0.56 0.14 9.04
CA THR A 21 0.69 -0.31 10.42
C THR A 21 -0.43 -1.28 10.80
N PHE A 22 -1.64 -0.99 10.33
CA PHE A 22 -2.79 -1.84 10.62
C PHE A 22 -3.24 -2.58 9.36
N LYS A 23 -3.69 -3.81 9.55
CA LYS A 23 -4.16 -4.64 8.44
C LYS A 23 -5.26 -3.94 7.66
N SER A 24 -6.29 -3.49 8.38
CA SER A 24 -7.41 -2.80 7.74
C SER A 24 -6.92 -1.80 6.71
N GLN A 25 -5.98 -0.95 7.11
CA GLN A 25 -5.43 0.06 6.22
C GLN A 25 -5.03 -0.55 4.89
N LEU A 26 -4.38 -1.71 4.94
CA LEU A 26 -3.94 -2.40 3.74
C LEU A 26 -5.13 -2.97 2.97
N ILE A 27 -5.92 -3.79 3.65
CA ILE A 27 -7.09 -4.40 3.04
C ILE A 27 -7.87 -3.39 2.20
N VAL A 28 -7.99 -2.17 2.72
CA VAL A 28 -8.71 -1.11 2.02
C VAL A 28 -7.87 -0.55 0.87
N HIS A 29 -6.56 -0.45 1.09
CA HIS A 29 -5.65 0.06 0.08
C HIS A 29 -5.64 -0.83 -1.15
N GLN A 30 -5.52 -2.14 -0.93
CA GLN A 30 -5.50 -3.10 -2.02
C GLN A 30 -6.60 -2.79 -3.03
N GLY A 31 -7.71 -2.23 -2.56
CA GLY A 31 -8.81 -1.89 -3.44
C GLY A 31 -8.43 -0.86 -4.48
N ILE A 32 -7.61 0.11 -4.08
CA ILE A 32 -7.17 1.16 -5.00
C ILE A 32 -6.60 0.57 -6.28
N HIS A 33 -6.21 -0.71 -6.22
CA HIS A 33 -5.65 -1.40 -7.38
C HIS A 33 -6.75 -2.08 -8.19
N THR A 34 -7.88 -1.39 -8.34
CA THR A 34 -9.01 -1.93 -9.10
C THR A 34 -9.32 -1.05 -10.30
N GLY A 35 -9.27 0.26 -10.11
CA GLY A 35 -9.56 1.19 -11.19
C GLY A 35 -8.63 2.39 -11.19
N VAL A 36 -7.32 2.13 -11.13
CA VAL A 36 -6.34 3.19 -11.12
C VAL A 36 -5.67 3.34 -12.48
N SER A 37 -5.41 2.22 -13.13
CA SER A 37 -4.78 2.21 -14.44
C SER A 37 -5.56 3.08 -15.43
N GLY A 38 -4.92 4.13 -15.93
CA GLY A 38 -5.56 5.02 -16.87
C GLY A 38 -5.00 4.90 -18.27
N PRO A 39 -5.87 5.08 -19.28
CA PRO A 39 -5.46 4.99 -20.69
C PRO A 39 -4.58 6.16 -21.12
N SER A 40 -3.26 5.97 -21.01
CA SER A 40 -2.32 7.01 -21.39
C SER A 40 -2.55 8.28 -20.58
N SER A 41 -2.73 8.12 -19.27
CA SER A 41 -2.98 9.25 -18.38
C SER A 41 -1.67 9.81 -17.84
N GLY A 42 -1.59 11.13 -17.75
CA GLY A 42 -0.38 11.78 -17.25
C GLY A 42 0.78 11.62 -18.19
ZN ZN B . -0.56 -1.14 -3.35
N GLY A 1 20.18 14.73 7.80
CA GLY A 1 18.89 14.16 7.41
C GLY A 1 18.27 13.33 8.51
N SER A 2 17.36 12.43 8.15
CA SER A 2 16.69 11.58 9.11
C SER A 2 17.60 10.43 9.54
N SER A 3 17.88 10.36 10.84
CA SER A 3 18.74 9.31 11.38
C SER A 3 17.90 8.23 12.08
N GLY A 4 17.90 7.03 11.49
CA GLY A 4 17.14 5.93 12.07
C GLY A 4 15.67 5.99 11.69
N SER A 5 15.27 5.14 10.76
CA SER A 5 13.88 5.10 10.31
C SER A 5 12.99 4.45 11.37
N SER A 6 13.44 3.33 11.92
CA SER A 6 12.67 2.62 12.94
C SER A 6 11.20 2.58 12.59
N GLY A 7 10.91 2.27 11.32
CA GLY A 7 9.53 2.20 10.87
C GLY A 7 9.33 1.18 9.77
N GLU A 8 9.29 -0.10 10.15
CA GLU A 8 9.11 -1.18 9.20
C GLU A 8 7.78 -1.88 9.41
N LYS A 9 6.72 -1.33 8.82
CA LYS A 9 5.39 -1.90 8.95
C LYS A 9 5.38 -3.36 8.53
N PRO A 10 4.57 -4.18 9.23
CA PRO A 10 4.46 -5.62 8.95
C PRO A 10 3.75 -5.89 7.63
N TYR A 11 2.63 -5.20 7.41
CA TYR A 11 1.86 -5.38 6.19
C TYR A 11 2.44 -4.54 5.05
N VAL A 12 2.60 -5.16 3.89
CA VAL A 12 3.14 -4.47 2.73
C VAL A 12 2.35 -4.80 1.46
N CYS A 13 1.76 -3.77 0.86
CA CYS A 13 0.97 -3.95 -0.35
C CYS A 13 1.76 -4.70 -1.42
N SER A 14 1.17 -5.78 -1.92
CA SER A 14 1.82 -6.60 -2.95
C SER A 14 1.42 -6.13 -4.35
N ASP A 15 1.11 -4.84 -4.46
CA ASP A 15 0.71 -4.27 -5.75
C ASP A 15 1.58 -3.07 -6.10
N CYS A 16 1.98 -2.32 -5.08
CA CYS A 16 2.82 -1.14 -5.28
C CYS A 16 4.04 -1.17 -4.36
N GLY A 17 3.80 -1.46 -3.08
CA GLY A 17 4.88 -1.52 -2.12
C GLY A 17 4.67 -0.55 -0.96
N LYS A 18 3.43 -0.33 -0.59
CA LYS A 18 3.10 0.57 0.50
C LYS A 18 2.96 -0.19 1.82
N ALA A 19 3.67 0.28 2.85
CA ALA A 19 3.63 -0.35 4.15
C ALA A 19 2.46 0.16 4.97
N PHE A 20 1.84 -0.73 5.75
CA PHE A 20 0.70 -0.36 6.58
C PHE A 20 0.80 -1.02 7.96
N THR A 21 0.61 -0.22 9.00
CA THR A 21 0.67 -0.72 10.37
C THR A 21 -0.45 -1.71 10.65
N PHE A 22 -1.67 -1.32 10.27
CA PHE A 22 -2.84 -2.18 10.48
C PHE A 22 -3.24 -2.87 9.19
N LYS A 23 -3.69 -4.13 9.32
CA LYS A 23 -4.11 -4.90 8.16
C LYS A 23 -5.25 -4.21 7.43
N SER A 24 -6.32 -3.90 8.16
CA SER A 24 -7.48 -3.25 7.57
C SER A 24 -7.05 -2.11 6.65
N GLN A 25 -6.13 -1.28 7.13
CA GLN A 25 -5.63 -0.15 6.35
C GLN A 25 -5.21 -0.60 4.95
N LEU A 26 -4.47 -1.71 4.89
CA LEU A 26 -4.00 -2.24 3.62
C LEU A 26 -5.18 -2.63 2.73
N ILE A 27 -6.08 -3.44 3.26
CA ILE A 27 -7.25 -3.88 2.51
C ILE A 27 -7.89 -2.72 1.75
N VAL A 28 -8.13 -1.61 2.46
CA VAL A 28 -8.73 -0.44 1.86
C VAL A 28 -7.85 0.12 0.74
N HIS A 29 -6.56 0.29 1.04
CA HIS A 29 -5.61 0.81 0.07
C HIS A 29 -5.58 -0.07 -1.18
N GLN A 30 -5.19 -1.32 -1.01
CA GLN A 30 -5.11 -2.26 -2.12
C GLN A 30 -6.21 -1.99 -3.14
N GLY A 31 -7.36 -1.53 -2.65
CA GLY A 31 -8.48 -1.24 -3.54
C GLY A 31 -8.09 -0.31 -4.66
N ILE A 32 -7.43 0.79 -4.32
CA ILE A 32 -7.01 1.78 -5.31
C ILE A 32 -6.51 1.09 -6.58
N HIS A 33 -6.05 -0.15 -6.44
CA HIS A 33 -5.56 -0.91 -7.59
C HIS A 33 -6.69 -1.64 -8.28
N THR A 34 -7.48 -2.40 -7.50
CA THR A 34 -8.59 -3.16 -8.05
C THR A 34 -9.63 -2.23 -8.69
N GLY A 35 -9.50 -2.02 -9.99
CA GLY A 35 -10.43 -1.15 -10.69
C GLY A 35 -9.73 -0.01 -11.39
N VAL A 36 -9.34 -0.23 -12.64
CA VAL A 36 -8.66 0.79 -13.42
C VAL A 36 -9.23 0.88 -14.83
N SER A 37 -9.40 2.11 -15.32
CA SER A 37 -9.95 2.34 -16.65
C SER A 37 -9.03 3.25 -17.47
N GLY A 38 -7.91 2.68 -17.93
CA GLY A 38 -6.97 3.45 -18.71
C GLY A 38 -5.63 2.76 -18.87
N PRO A 39 -4.68 3.42 -19.54
CA PRO A 39 -3.34 2.87 -19.77
C PRO A 39 -2.52 2.82 -18.49
N SER A 40 -2.37 1.62 -17.94
CA SER A 40 -1.60 1.43 -16.71
C SER A 40 -1.10 0.00 -16.59
N SER A 41 0.11 -0.15 -16.04
CA SER A 41 0.70 -1.47 -15.87
C SER A 41 -0.14 -2.33 -14.93
N GLY A 42 -1.13 -3.01 -15.49
CA GLY A 42 -1.99 -3.87 -14.70
C GLY A 42 -2.23 -5.22 -15.34
ZN ZN B . -0.80 -0.58 -3.16
N GLY A 1 7.24 19.33 9.31
CA GLY A 1 5.91 19.09 9.80
C GLY A 1 5.63 17.61 10.03
N SER A 2 5.79 17.17 11.27
CA SER A 2 5.55 15.78 11.63
C SER A 2 6.49 14.85 10.85
N SER A 3 7.76 15.24 10.77
CA SER A 3 8.76 14.46 10.05
C SER A 3 9.64 13.69 11.03
N GLY A 4 9.71 12.38 10.85
CA GLY A 4 10.53 11.55 11.71
C GLY A 4 9.99 10.13 11.84
N SER A 5 9.87 9.45 10.70
CA SER A 5 9.37 8.09 10.69
C SER A 5 10.41 7.11 11.21
N SER A 6 10.07 6.39 12.27
CA SER A 6 10.98 5.43 12.88
C SER A 6 10.31 4.06 13.01
N GLY A 7 10.90 3.06 12.38
CA GLY A 7 10.36 1.71 12.44
C GLY A 7 9.83 1.24 11.10
N GLU A 8 9.35 -0.01 11.06
CA GLU A 8 8.82 -0.58 9.84
C GLU A 8 7.48 -1.27 10.08
N LYS A 9 6.56 -1.10 9.16
CA LYS A 9 5.23 -1.71 9.28
C LYS A 9 5.26 -3.17 8.82
N PRO A 10 4.47 -4.02 9.49
CA PRO A 10 4.38 -5.44 9.17
C PRO A 10 3.68 -5.69 7.84
N TYR A 11 2.51 -5.09 7.68
CA TYR A 11 1.73 -5.25 6.46
C TYR A 11 2.36 -4.47 5.30
N VAL A 12 2.59 -5.16 4.20
CA VAL A 12 3.20 -4.54 3.02
C VAL A 12 2.51 -5.01 1.74
N CYS A 13 1.94 -4.06 1.01
CA CYS A 13 1.24 -4.36 -0.24
C CYS A 13 2.18 -5.06 -1.22
N SER A 14 1.59 -5.75 -2.19
CA SER A 14 2.37 -6.46 -3.20
C SER A 14 2.37 -5.70 -4.53
N ASP A 15 1.24 -5.09 -4.84
CA ASP A 15 1.10 -4.33 -6.09
C ASP A 15 2.17 -3.25 -6.18
N CYS A 16 2.06 -2.24 -5.34
CA CYS A 16 3.03 -1.14 -5.33
C CYS A 16 4.09 -1.35 -4.24
N GLY A 17 3.65 -1.81 -3.07
CA GLY A 17 4.57 -2.04 -1.98
C GLY A 17 4.32 -1.10 -0.80
N LYS A 18 3.14 -0.52 -0.76
CA LYS A 18 2.78 0.40 0.32
C LYS A 18 2.70 -0.33 1.66
N ALA A 19 3.39 0.22 2.66
CA ALA A 19 3.40 -0.38 3.99
C ALA A 19 2.33 0.24 4.88
N PHE A 20 1.69 -0.58 5.69
CA PHE A 20 0.64 -0.11 6.60
C PHE A 20 0.81 -0.72 7.99
N THR A 21 0.57 0.10 9.01
CA THR A 21 0.70 -0.35 10.39
C THR A 21 -0.40 -1.34 10.75
N PHE A 22 -1.63 -1.02 10.32
CA PHE A 22 -2.77 -1.88 10.60
C PHE A 22 -3.14 -2.71 9.37
N LYS A 23 -3.83 -3.83 9.60
CA LYS A 23 -4.24 -4.71 8.52
C LYS A 23 -5.37 -4.09 7.71
N SER A 24 -6.40 -3.61 8.42
CA SER A 24 -7.56 -3.00 7.77
C SER A 24 -7.12 -1.88 6.83
N GLN A 25 -5.96 -1.29 7.12
CA GLN A 25 -5.43 -0.21 6.31
C GLN A 25 -4.97 -0.72 4.95
N LEU A 26 -4.30 -1.87 4.95
CA LEU A 26 -3.81 -2.47 3.72
C LEU A 26 -4.97 -2.92 2.82
N ILE A 27 -5.89 -3.69 3.40
CA ILE A 27 -7.04 -4.18 2.67
C ILE A 27 -7.68 -3.07 1.84
N VAL A 28 -7.98 -1.95 2.50
CA VAL A 28 -8.59 -0.81 1.83
C VAL A 28 -7.69 -0.26 0.74
N HIS A 29 -6.41 -0.13 1.05
CA HIS A 29 -5.44 0.38 0.08
C HIS A 29 -5.46 -0.43 -1.20
N GLN A 30 -5.43 -1.76 -1.06
CA GLN A 30 -5.45 -2.65 -2.21
C GLN A 30 -6.54 -2.24 -3.19
N GLY A 31 -7.64 -1.71 -2.66
CA GLY A 31 -8.75 -1.30 -3.50
C GLY A 31 -8.31 -0.35 -4.61
N ILE A 32 -7.29 0.47 -4.31
CA ILE A 32 -6.78 1.42 -5.29
C ILE A 32 -6.23 0.71 -6.52
N HIS A 33 -5.85 -0.55 -6.34
CA HIS A 33 -5.31 -1.34 -7.44
C HIS A 33 -6.42 -2.04 -8.22
N THR A 34 -7.60 -1.43 -8.23
CA THR A 34 -8.74 -1.98 -8.93
C THR A 34 -9.71 -0.88 -9.37
N GLY A 35 -10.47 -1.15 -10.42
CA GLY A 35 -11.42 -0.18 -10.92
C GLY A 35 -10.76 0.90 -11.76
N VAL A 36 -9.87 1.66 -11.13
CA VAL A 36 -9.17 2.74 -11.82
C VAL A 36 -8.63 2.28 -13.17
N SER A 37 -8.64 3.17 -14.15
CA SER A 37 -8.16 2.86 -15.49
C SER A 37 -6.74 2.29 -15.44
N GLY A 38 -6.47 1.34 -16.32
CA GLY A 38 -5.14 0.73 -16.37
C GLY A 38 -5.07 -0.45 -17.32
N PRO A 39 -4.89 -0.15 -18.61
CA PRO A 39 -4.80 -1.18 -19.66
C PRO A 39 -3.51 -2.01 -19.55
N SER A 40 -2.66 -1.62 -18.62
CA SER A 40 -1.39 -2.32 -18.43
C SER A 40 -1.63 -3.77 -17.99
N SER A 41 -1.00 -4.70 -18.71
CA SER A 41 -1.15 -6.12 -18.41
C SER A 41 -0.98 -6.38 -16.91
N GLY A 42 -2.08 -6.77 -16.27
CA GLY A 42 -2.04 -7.04 -14.84
C GLY A 42 -2.66 -8.38 -14.48
ZN ZN B . -0.43 -1.08 -3.33
N GLY A 1 6.93 16.01 10.26
CA GLY A 1 8.06 15.28 10.81
C GLY A 1 7.62 14.20 11.78
N SER A 2 7.67 12.95 11.33
CA SER A 2 7.27 11.82 12.18
C SER A 2 8.17 11.72 13.39
N SER A 3 7.55 11.62 14.57
CA SER A 3 8.30 11.51 15.82
C SER A 3 9.19 10.27 15.81
N GLY A 4 10.35 10.38 16.47
CA GLY A 4 11.27 9.27 16.54
C GLY A 4 10.63 8.02 17.09
N SER A 5 10.02 7.22 16.21
CA SER A 5 9.36 5.98 16.62
C SER A 5 9.51 4.92 15.54
N SER A 6 9.10 3.69 15.88
CA SER A 6 9.17 2.57 14.95
C SER A 6 8.69 2.98 13.57
N GLY A 7 9.28 2.39 12.54
CA GLY A 7 8.90 2.70 11.17
C GLY A 7 8.52 1.48 10.38
N GLU A 8 9.24 0.39 10.59
CA GLU A 8 8.99 -0.86 9.89
C GLU A 8 7.53 -1.30 10.08
N LYS A 9 6.98 -1.93 9.05
CA LYS A 9 5.59 -2.39 9.09
C LYS A 9 5.48 -3.80 8.52
N PRO A 10 4.65 -4.64 9.16
CA PRO A 10 4.42 -6.02 8.72
C PRO A 10 3.65 -6.10 7.40
N TYR A 11 2.51 -5.40 7.35
CA TYR A 11 1.69 -5.40 6.14
C TYR A 11 2.37 -4.62 5.02
N VAL A 12 2.31 -5.18 3.81
CA VAL A 12 2.92 -4.54 2.65
C VAL A 12 2.18 -4.92 1.37
N CYS A 13 1.70 -3.91 0.65
CA CYS A 13 0.97 -4.13 -0.59
C CYS A 13 1.90 -4.70 -1.66
N SER A 14 1.31 -5.35 -2.67
CA SER A 14 2.08 -5.93 -3.75
C SER A 14 1.98 -5.08 -5.02
N ASP A 15 0.82 -4.48 -5.23
CA ASP A 15 0.61 -3.63 -6.40
C ASP A 15 1.66 -2.53 -6.48
N CYS A 16 1.58 -1.59 -5.53
CA CYS A 16 2.54 -0.49 -5.49
C CYS A 16 3.66 -0.76 -4.49
N GLY A 17 3.29 -1.34 -3.33
CA GLY A 17 4.29 -1.65 -2.33
C GLY A 17 4.15 -0.77 -1.09
N LYS A 18 2.92 -0.31 -0.83
CA LYS A 18 2.66 0.55 0.31
C LYS A 18 2.55 -0.28 1.59
N ALA A 19 3.37 0.05 2.58
CA ALA A 19 3.36 -0.67 3.85
C ALA A 19 2.37 -0.04 4.83
N PHE A 20 1.82 -0.85 5.72
CA PHE A 20 0.85 -0.38 6.70
C PHE A 20 1.02 -1.11 8.03
N THR A 21 0.82 -0.39 9.12
CA THR A 21 0.95 -0.97 10.46
C THR A 21 -0.24 -1.87 10.79
N PHE A 22 -1.44 -1.42 10.41
CA PHE A 22 -2.65 -2.18 10.66
C PHE A 22 -3.10 -2.94 9.42
N LYS A 23 -3.87 -3.99 9.62
CA LYS A 23 -4.38 -4.80 8.51
C LYS A 23 -5.45 -4.07 7.74
N SER A 24 -6.51 -3.67 8.44
CA SER A 24 -7.62 -2.95 7.82
C SER A 24 -7.09 -1.85 6.89
N GLN A 25 -6.09 -1.13 7.35
CA GLN A 25 -5.50 -0.05 6.57
C GLN A 25 -5.12 -0.53 5.17
N LEU A 26 -4.41 -1.66 5.11
CA LEU A 26 -3.99 -2.23 3.84
C LEU A 26 -5.20 -2.65 3.00
N ILE A 27 -6.02 -3.53 3.56
CA ILE A 27 -7.21 -4.00 2.86
C ILE A 27 -7.90 -2.87 2.11
N VAL A 28 -8.14 -1.77 2.81
CA VAL A 28 -8.79 -0.61 2.21
C VAL A 28 -7.91 0.02 1.14
N HIS A 29 -6.60 0.04 1.39
CA HIS A 29 -5.65 0.62 0.44
C HIS A 29 -5.68 -0.13 -0.88
N GLN A 30 -5.44 -1.44 -0.82
CA GLN A 30 -5.44 -2.28 -2.01
C GLN A 30 -6.54 -1.84 -2.99
N GLY A 31 -7.61 -1.27 -2.45
CA GLY A 31 -8.71 -0.82 -3.27
C GLY A 31 -8.27 0.21 -4.31
N ILE A 32 -7.49 1.19 -3.87
CA ILE A 32 -7.01 2.23 -4.77
C ILE A 32 -6.64 1.66 -6.13
N HIS A 33 -6.25 0.39 -6.15
CA HIS A 33 -5.86 -0.27 -7.39
C HIS A 33 -7.08 -0.87 -8.08
N THR A 34 -7.69 -1.88 -7.45
CA THR A 34 -8.87 -2.53 -8.00
C THR A 34 -8.80 -2.58 -9.52
N GLY A 35 -7.63 -2.94 -10.05
CA GLY A 35 -7.46 -3.02 -11.49
C GLY A 35 -7.80 -4.39 -12.04
N VAL A 36 -7.37 -4.67 -13.27
CA VAL A 36 -7.63 -5.95 -13.91
C VAL A 36 -7.27 -7.11 -12.98
N SER A 37 -8.09 -8.16 -13.02
CA SER A 37 -7.85 -9.33 -12.19
C SER A 37 -7.53 -10.56 -13.04
N GLY A 38 -6.69 -11.44 -12.51
CA GLY A 38 -6.32 -12.64 -13.24
C GLY A 38 -7.07 -13.87 -12.75
N PRO A 39 -7.13 -14.91 -13.60
CA PRO A 39 -7.81 -16.16 -13.27
C PRO A 39 -7.08 -16.96 -12.19
N SER A 40 -7.67 -17.01 -11.00
CA SER A 40 -7.07 -17.73 -9.89
C SER A 40 -5.60 -17.39 -9.74
N SER A 41 -5.28 -16.10 -9.89
CA SER A 41 -3.90 -15.63 -9.77
C SER A 41 -3.76 -14.66 -8.61
N GLY A 42 -4.39 -14.98 -7.48
CA GLY A 42 -4.32 -14.12 -6.32
C GLY A 42 -4.77 -12.70 -6.61
ZN ZN B . -0.81 -0.64 -3.28
N GLY A 1 6.26 20.41 12.22
CA GLY A 1 7.09 19.23 12.16
C GLY A 1 6.62 18.14 13.10
N SER A 2 5.47 17.54 12.79
CA SER A 2 4.92 16.48 13.63
C SER A 2 5.18 15.11 13.01
N SER A 3 5.95 14.29 13.72
CA SER A 3 6.27 12.95 13.23
C SER A 3 6.40 11.97 14.40
N GLY A 4 6.54 10.69 14.08
CA GLY A 4 6.67 9.68 15.11
C GLY A 4 6.71 8.27 14.54
N SER A 5 7.89 7.86 14.06
CA SER A 5 8.06 6.54 13.48
C SER A 5 9.54 6.22 13.31
N SER A 6 10.03 5.27 14.10
CA SER A 6 11.43 4.87 14.02
C SER A 6 11.58 3.51 13.33
N GLY A 7 10.79 2.54 13.77
CA GLY A 7 10.85 1.22 13.17
C GLY A 7 10.24 1.18 11.78
N GLU A 8 9.35 0.22 11.56
CA GLU A 8 8.69 0.07 10.27
C GLU A 8 7.33 -0.60 10.42
N LYS A 9 6.62 -0.73 9.31
CA LYS A 9 5.30 -1.36 9.32
C LYS A 9 5.39 -2.83 8.94
N PRO A 10 4.62 -3.67 9.65
CA PRO A 10 4.59 -5.12 9.41
C PRO A 10 3.94 -5.47 8.08
N TYR A 11 2.74 -4.94 7.85
CA TYR A 11 2.01 -5.20 6.62
C TYR A 11 2.62 -4.43 5.45
N VAL A 12 2.50 -5.00 4.25
CA VAL A 12 3.04 -4.38 3.06
C VAL A 12 2.30 -4.85 1.80
N CYS A 13 1.74 -3.90 1.06
CA CYS A 13 0.99 -4.21 -0.15
C CYS A 13 1.86 -5.01 -1.13
N SER A 14 1.22 -5.63 -2.10
CA SER A 14 1.93 -6.42 -3.10
C SER A 14 1.88 -5.75 -4.48
N ASP A 15 0.83 -4.96 -4.69
CA ASP A 15 0.64 -4.26 -5.95
C ASP A 15 1.73 -3.20 -6.15
N CYS A 16 1.78 -2.25 -5.24
CA CYS A 16 2.78 -1.18 -5.31
C CYS A 16 3.97 -1.49 -4.41
N GLY A 17 3.69 -1.85 -3.16
CA GLY A 17 4.75 -2.16 -2.22
C GLY A 17 4.76 -1.22 -1.02
N LYS A 18 3.64 -0.56 -0.78
CA LYS A 18 3.51 0.37 0.33
C LYS A 18 3.29 -0.37 1.64
N ALA A 19 3.95 0.10 2.71
CA ALA A 19 3.82 -0.53 4.01
C ALA A 19 2.70 0.13 4.83
N PHE A 20 1.91 -0.70 5.51
CA PHE A 20 0.81 -0.20 6.32
C PHE A 20 0.95 -0.65 7.78
N THR A 21 0.68 0.25 8.70
CA THR A 21 0.78 -0.06 10.12
C THR A 21 -0.32 -1.02 10.55
N PHE A 22 -1.56 -0.71 10.17
CA PHE A 22 -2.70 -1.55 10.52
C PHE A 22 -3.05 -2.50 9.37
N LYS A 23 -3.71 -3.60 9.70
CA LYS A 23 -4.11 -4.58 8.69
C LYS A 23 -5.22 -4.03 7.82
N SER A 24 -6.30 -3.56 8.44
CA SER A 24 -7.44 -3.02 7.71
C SER A 24 -6.97 -2.02 6.65
N GLN A 25 -6.05 -1.13 7.04
CA GLN A 25 -5.53 -0.13 6.13
C GLN A 25 -5.07 -0.77 4.82
N LEU A 26 -4.42 -1.93 4.93
CA LEU A 26 -3.92 -2.63 3.75
C LEU A 26 -5.08 -3.21 2.94
N ILE A 27 -5.95 -3.95 3.62
CA ILE A 27 -7.10 -4.56 2.96
C ILE A 27 -7.87 -3.53 2.13
N VAL A 28 -8.18 -2.39 2.74
CA VAL A 28 -8.90 -1.33 2.06
C VAL A 28 -8.07 -0.73 0.93
N HIS A 29 -6.76 -0.66 1.15
CA HIS A 29 -5.85 -0.11 0.15
C HIS A 29 -5.80 -0.99 -1.09
N GLN A 30 -5.68 -2.30 -0.88
CA GLN A 30 -5.63 -3.24 -1.99
C GLN A 30 -6.72 -2.94 -3.02
N GLY A 31 -7.75 -2.23 -2.59
CA GLY A 31 -8.85 -1.89 -3.47
C GLY A 31 -8.48 -0.77 -4.43
N ILE A 32 -7.68 0.18 -3.95
CA ILE A 32 -7.27 1.31 -4.77
C ILE A 32 -6.76 0.85 -6.13
N HIS A 33 -6.22 -0.37 -6.18
CA HIS A 33 -5.70 -0.93 -7.42
C HIS A 33 -6.83 -1.54 -8.25
N THR A 34 -7.99 -0.89 -8.24
CA THR A 34 -9.14 -1.37 -9.00
C THR A 34 -9.68 -0.28 -9.91
N GLY A 35 -9.36 -0.39 -11.20
CA GLY A 35 -9.84 0.59 -12.17
C GLY A 35 -8.70 1.36 -12.80
N VAL A 36 -8.35 2.50 -12.21
CA VAL A 36 -7.27 3.33 -12.73
C VAL A 36 -6.00 3.17 -11.90
N SER A 37 -4.86 3.03 -12.59
CA SER A 37 -3.59 2.87 -11.91
C SER A 37 -2.75 4.15 -12.00
N GLY A 38 -1.66 4.19 -11.24
CA GLY A 38 -0.80 5.36 -11.26
C GLY A 38 -0.21 5.64 -12.62
N PRO A 39 0.79 6.53 -12.68
CA PRO A 39 1.45 6.90 -13.94
C PRO A 39 2.29 5.76 -14.50
N SER A 40 2.54 4.75 -13.68
CA SER A 40 3.34 3.60 -14.11
C SER A 40 2.52 2.65 -14.97
N SER A 41 3.18 2.00 -15.92
CA SER A 41 2.51 1.07 -16.82
C SER A 41 2.80 -0.38 -16.43
N GLY A 42 1.77 -1.10 -16.00
CA GLY A 42 1.95 -2.48 -15.61
C GLY A 42 0.63 -3.13 -15.20
ZN ZN B . -0.73 -1.08 -3.32
N GLY A 1 21.36 -1.72 13.21
CA GLY A 1 20.20 -2.01 14.03
C GLY A 1 19.68 -0.80 14.76
N SER A 2 18.42 -0.46 14.52
CA SER A 2 17.81 0.70 15.15
C SER A 2 17.14 0.31 16.47
N SER A 3 17.82 0.59 17.58
CA SER A 3 17.29 0.26 18.90
C SER A 3 15.80 0.56 18.98
N GLY A 4 15.02 -0.42 19.45
CA GLY A 4 13.59 -0.24 19.57
C GLY A 4 12.81 -1.32 18.86
N SER A 5 11.73 -1.77 19.48
CA SER A 5 10.89 -2.82 18.90
C SER A 5 9.78 -2.23 18.06
N SER A 6 10.12 -1.21 17.27
CA SER A 6 9.15 -0.55 16.41
C SER A 6 9.84 0.09 15.20
N GLY A 7 9.04 0.57 14.25
CA GLY A 7 9.58 1.19 13.07
C GLY A 7 8.93 0.69 11.80
N GLU A 8 9.49 -0.38 11.23
CA GLU A 8 8.94 -0.96 10.00
C GLU A 8 7.60 -1.62 10.26
N LYS A 9 6.70 -1.51 9.30
CA LYS A 9 5.37 -2.11 9.42
C LYS A 9 5.36 -3.53 8.86
N PRO A 10 4.58 -4.41 9.51
CA PRO A 10 4.46 -5.81 9.10
C PRO A 10 3.71 -5.97 7.78
N TYR A 11 2.59 -5.28 7.66
CA TYR A 11 1.77 -5.35 6.45
C TYR A 11 2.38 -4.49 5.34
N VAL A 12 2.50 -5.07 4.16
CA VAL A 12 3.05 -4.36 3.01
C VAL A 12 2.39 -4.79 1.71
N CYS A 13 1.70 -3.85 1.07
CA CYS A 13 1.00 -4.14 -0.18
C CYS A 13 1.94 -4.78 -1.19
N SER A 14 1.37 -5.43 -2.20
CA SER A 14 2.17 -6.10 -3.22
C SER A 14 2.04 -5.37 -4.57
N ASP A 15 0.86 -4.81 -4.81
CA ASP A 15 0.61 -4.09 -6.05
C ASP A 15 1.63 -2.99 -6.26
N CYS A 16 1.70 -2.06 -5.32
CA CYS A 16 2.64 -0.94 -5.40
C CYS A 16 3.79 -1.13 -4.41
N GLY A 17 3.46 -1.59 -3.21
CA GLY A 17 4.48 -1.81 -2.20
C GLY A 17 4.34 -0.86 -1.02
N LYS A 18 3.12 -0.41 -0.76
CA LYS A 18 2.85 0.50 0.33
C LYS A 18 2.76 -0.25 1.66
N ALA A 19 3.52 0.21 2.64
CA ALA A 19 3.52 -0.42 3.96
C ALA A 19 2.38 0.11 4.82
N PHE A 20 1.92 -0.72 5.76
CA PHE A 20 0.83 -0.33 6.64
C PHE A 20 0.98 -0.99 8.02
N THR A 21 0.82 -0.21 9.07
CA THR A 21 0.94 -0.72 10.43
C THR A 21 -0.20 -1.68 10.76
N PHE A 22 -1.41 -1.31 10.36
CA PHE A 22 -2.59 -2.14 10.60
C PHE A 22 -3.06 -2.80 9.32
N LYS A 23 -3.67 -3.98 9.45
CA LYS A 23 -4.18 -4.71 8.29
C LYS A 23 -5.34 -3.96 7.64
N SER A 24 -6.34 -3.60 8.43
CA SER A 24 -7.49 -2.89 7.92
C SER A 24 -7.08 -1.81 6.93
N GLN A 25 -6.05 -1.04 7.30
CA GLN A 25 -5.55 0.03 6.45
C GLN A 25 -5.13 -0.51 5.08
N LEU A 26 -4.40 -1.62 5.10
CA LEU A 26 -3.93 -2.25 3.87
C LEU A 26 -5.10 -2.74 3.02
N ILE A 27 -5.95 -3.56 3.61
CA ILE A 27 -7.11 -4.10 2.91
C ILE A 27 -7.80 -3.01 2.08
N VAL A 28 -8.08 -1.88 2.71
CA VAL A 28 -8.73 -0.77 2.03
C VAL A 28 -7.83 -0.20 0.94
N HIS A 29 -6.54 -0.10 1.22
CA HIS A 29 -5.58 0.42 0.26
C HIS A 29 -5.55 -0.44 -1.00
N GLN A 30 -5.16 -1.69 -0.83
CA GLN A 30 -5.08 -2.63 -1.95
C GLN A 30 -6.22 -2.38 -2.94
N GLY A 31 -7.34 -1.87 -2.44
CA GLY A 31 -8.48 -1.60 -3.29
C GLY A 31 -8.15 -0.64 -4.41
N ILE A 32 -7.46 0.45 -4.08
CA ILE A 32 -7.07 1.44 -5.07
C ILE A 32 -6.65 0.79 -6.38
N HIS A 33 -6.19 -0.45 -6.29
CA HIS A 33 -5.75 -1.20 -7.47
C HIS A 33 -6.91 -1.98 -8.07
N THR A 34 -8.06 -1.31 -8.23
CA THR A 34 -9.24 -1.95 -8.80
C THR A 34 -9.74 -1.18 -10.02
N GLY A 35 -9.37 -1.65 -11.20
CA GLY A 35 -9.78 -1.00 -12.43
C GLY A 35 -8.72 -0.07 -12.98
N VAL A 36 -9.14 1.14 -13.37
CA VAL A 36 -8.22 2.13 -13.91
C VAL A 36 -8.46 3.50 -13.30
N SER A 37 -7.76 3.78 -12.20
CA SER A 37 -7.91 5.06 -11.52
C SER A 37 -6.73 5.99 -11.84
N GLY A 38 -6.81 6.66 -12.97
CA GLY A 38 -5.74 7.56 -13.38
C GLY A 38 -6.17 8.51 -14.49
N PRO A 39 -6.82 9.61 -14.10
CA PRO A 39 -7.30 10.62 -15.06
C PRO A 39 -6.14 11.40 -15.70
N SER A 40 -4.94 11.18 -15.19
CA SER A 40 -3.75 11.87 -15.71
C SER A 40 -3.41 11.36 -17.11
N SER A 41 -2.51 12.08 -17.78
CA SER A 41 -2.10 11.71 -19.13
C SER A 41 -0.85 10.82 -19.08
N GLY A 42 -0.97 9.61 -19.63
CA GLY A 42 0.14 8.69 -19.64
C GLY A 42 0.37 8.08 -21.02
ZN ZN B . -0.73 -0.82 -3.25
N GLY A 1 21.85 6.73 -0.62
CA GLY A 1 20.93 6.05 0.27
C GLY A 1 19.49 6.17 -0.19
N SER A 2 18.57 5.65 0.61
CA SER A 2 17.14 5.69 0.28
C SER A 2 16.29 5.81 1.54
N SER A 3 15.34 6.74 1.52
CA SER A 3 14.45 6.95 2.65
C SER A 3 13.97 5.62 3.24
N GLY A 4 13.47 5.67 4.46
CA GLY A 4 12.98 4.46 5.10
C GLY A 4 13.71 4.16 6.40
N SER A 5 13.55 2.94 6.90
CA SER A 5 14.20 2.52 8.14
C SER A 5 13.70 3.37 9.31
N SER A 6 12.40 3.61 9.35
CA SER A 6 11.79 4.41 10.41
C SER A 6 10.74 3.59 11.16
N GLY A 7 9.77 3.07 10.42
CA GLY A 7 8.70 2.28 11.02
C GLY A 7 8.82 0.81 10.69
N GLU A 8 9.12 0.51 9.42
CA GLU A 8 9.25 -0.88 8.98
C GLU A 8 7.95 -1.64 9.18
N LYS A 9 6.83 -0.99 8.86
CA LYS A 9 5.52 -1.60 9.00
C LYS A 9 5.54 -3.05 8.51
N PRO A 10 4.79 -3.91 9.21
CA PRO A 10 4.70 -5.33 8.86
C PRO A 10 3.95 -5.57 7.56
N TYR A 11 2.76 -4.99 7.46
CA TYR A 11 1.93 -5.15 6.27
C TYR A 11 2.50 -4.34 5.11
N VAL A 12 2.58 -4.98 3.94
CA VAL A 12 3.11 -4.32 2.75
C VAL A 12 2.32 -4.71 1.51
N CYS A 13 1.55 -3.75 0.99
CA CYS A 13 0.74 -4.00 -0.20
C CYS A 13 1.53 -4.74 -1.27
N SER A 14 1.04 -5.91 -1.66
CA SER A 14 1.71 -6.73 -2.67
C SER A 14 1.30 -6.29 -4.08
N ASP A 15 1.02 -4.99 -4.23
CA ASP A 15 0.62 -4.45 -5.52
C ASP A 15 1.58 -3.34 -5.96
N CYS A 16 1.80 -2.38 -5.07
CA CYS A 16 2.70 -1.26 -5.38
C CYS A 16 3.91 -1.29 -4.47
N GLY A 17 3.69 -1.51 -3.18
CA GLY A 17 4.78 -1.55 -2.21
C GLY A 17 4.57 -0.59 -1.06
N LYS A 18 3.31 -0.37 -0.70
CA LYS A 18 2.97 0.54 0.39
C LYS A 18 2.83 -0.23 1.70
N ALA A 19 3.57 0.18 2.72
CA ALA A 19 3.52 -0.47 4.02
C ALA A 19 2.43 0.14 4.90
N PHE A 20 1.81 -0.68 5.73
CA PHE A 20 0.74 -0.22 6.62
C PHE A 20 0.89 -0.85 8.01
N THR A 21 0.71 -0.03 9.04
CA THR A 21 0.82 -0.50 10.41
C THR A 21 -0.28 -1.49 10.74
N PHE A 22 -1.50 -1.17 10.33
CA PHE A 22 -2.65 -2.05 10.59
C PHE A 22 -3.01 -2.84 9.33
N LYS A 23 -3.71 -3.96 9.53
CA LYS A 23 -4.12 -4.81 8.42
C LYS A 23 -5.33 -4.23 7.70
N SER A 24 -6.28 -3.69 8.47
CA SER A 24 -7.49 -3.10 7.91
C SER A 24 -7.13 -1.98 6.94
N GLN A 25 -6.03 -1.28 7.22
CA GLN A 25 -5.59 -0.18 6.38
C GLN A 25 -5.16 -0.69 5.00
N LEU A 26 -4.41 -1.77 4.98
CA LEU A 26 -3.93 -2.36 3.73
C LEU A 26 -5.10 -2.83 2.87
N ILE A 27 -5.98 -3.63 3.48
CA ILE A 27 -7.14 -4.15 2.76
C ILE A 27 -7.83 -3.06 1.96
N VAL A 28 -8.05 -1.91 2.59
CA VAL A 28 -8.69 -0.78 1.92
C VAL A 28 -7.82 -0.24 0.79
N HIS A 29 -6.54 -0.06 1.08
CA HIS A 29 -5.60 0.45 0.08
C HIS A 29 -5.57 -0.45 -1.16
N GLN A 30 -5.16 -1.70 -0.96
CA GLN A 30 -5.09 -2.66 -2.06
C GLN A 30 -6.21 -2.41 -3.06
N GLY A 31 -7.36 -1.95 -2.57
CA GLY A 31 -8.49 -1.70 -3.44
C GLY A 31 -8.14 -0.78 -4.59
N ILE A 32 -7.47 0.33 -4.27
CA ILE A 32 -7.08 1.30 -5.29
C ILE A 32 -6.61 0.60 -6.56
N HIS A 33 -6.14 -0.63 -6.41
CA HIS A 33 -5.67 -1.41 -7.55
C HIS A 33 -6.79 -2.25 -8.14
N THR A 34 -7.93 -1.61 -8.41
CA THR A 34 -9.08 -2.29 -8.98
C THR A 34 -9.48 -1.68 -10.32
N GLY A 35 -9.53 -0.35 -10.36
CA GLY A 35 -9.90 0.33 -11.59
C GLY A 35 -8.96 1.48 -11.92
N VAL A 36 -9.44 2.42 -12.73
CA VAL A 36 -8.63 3.56 -13.12
C VAL A 36 -7.30 3.13 -13.72
N SER A 37 -7.36 2.27 -14.73
CA SER A 37 -6.15 1.76 -15.39
C SER A 37 -5.42 2.89 -16.10
N GLY A 38 -4.15 3.07 -15.76
CA GLY A 38 -3.35 4.12 -16.37
C GLY A 38 -2.26 3.55 -17.27
N PRO A 39 -1.05 3.41 -16.70
CA PRO A 39 0.11 2.89 -17.44
C PRO A 39 -0.03 1.40 -17.75
N SER A 40 -0.55 1.10 -18.94
CA SER A 40 -0.75 -0.28 -19.35
C SER A 40 0.59 -0.93 -19.71
N SER A 41 1.10 -1.78 -18.81
CA SER A 41 2.36 -2.46 -19.02
C SER A 41 2.20 -3.61 -20.01
N GLY A 42 1.31 -4.55 -19.68
CA GLY A 42 1.07 -5.69 -20.53
C GLY A 42 -0.40 -5.91 -20.82
ZN ZN B . -0.75 -0.76 -3.45
N GLY A 1 8.39 17.56 -0.68
CA GLY A 1 8.94 17.28 0.64
C GLY A 1 9.69 15.97 0.69
N SER A 2 10.96 16.01 1.08
CA SER A 2 11.78 14.81 1.16
C SER A 2 11.71 14.21 2.55
N SER A 3 10.51 14.17 3.12
CA SER A 3 10.31 13.62 4.45
C SER A 3 10.32 12.09 4.42
N GLY A 4 10.78 11.49 5.51
CA GLY A 4 10.85 10.05 5.59
C GLY A 4 9.80 9.46 6.51
N SER A 5 10.13 9.37 7.80
CA SER A 5 9.20 8.83 8.78
C SER A 5 8.43 7.65 8.21
N SER A 6 9.13 6.79 7.47
CA SER A 6 8.49 5.62 6.86
C SER A 6 8.15 4.58 7.91
N GLY A 7 9.10 4.32 8.82
CA GLY A 7 8.89 3.33 9.86
C GLY A 7 8.90 1.91 9.33
N GLU A 8 8.85 0.94 10.24
CA GLU A 8 8.86 -0.46 9.86
C GLU A 8 7.50 -1.10 10.11
N LYS A 9 6.68 -1.16 9.07
CA LYS A 9 5.34 -1.74 9.17
C LYS A 9 5.35 -3.18 8.68
N PRO A 10 4.55 -4.04 9.34
CA PRO A 10 4.43 -5.45 8.98
C PRO A 10 3.72 -5.66 7.65
N TYR A 11 2.55 -5.04 7.51
CA TYR A 11 1.77 -5.16 6.29
C TYR A 11 2.42 -4.39 5.15
N VAL A 12 2.53 -5.05 3.99
CA VAL A 12 3.13 -4.42 2.81
C VAL A 12 2.38 -4.81 1.54
N CYS A 13 1.78 -3.82 0.90
CA CYS A 13 1.03 -4.06 -0.33
C CYS A 13 1.89 -4.78 -1.36
N SER A 14 1.41 -5.94 -1.81
CA SER A 14 2.14 -6.73 -2.79
C SER A 14 1.83 -6.26 -4.22
N ASP A 15 1.27 -5.06 -4.32
CA ASP A 15 0.93 -4.49 -5.62
C ASP A 15 1.89 -3.35 -5.99
N CYS A 16 2.10 -2.44 -5.04
CA CYS A 16 2.99 -1.30 -5.26
C CYS A 16 4.18 -1.36 -4.31
N GLY A 17 3.90 -1.60 -3.03
CA GLY A 17 4.96 -1.67 -2.04
C GLY A 17 4.72 -0.74 -0.87
N LYS A 18 3.45 -0.39 -0.64
CA LYS A 18 3.09 0.50 0.45
C LYS A 18 2.92 -0.27 1.75
N ALA A 19 3.66 0.14 2.78
CA ALA A 19 3.59 -0.52 4.08
C ALA A 19 2.53 0.11 4.96
N PHE A 20 1.82 -0.72 5.72
CA PHE A 20 0.76 -0.24 6.60
C PHE A 20 0.89 -0.86 7.99
N THR A 21 0.55 -0.10 9.02
CA THR A 21 0.63 -0.58 10.39
C THR A 21 -0.51 -1.55 10.70
N PHE A 22 -1.71 -1.21 10.25
CA PHE A 22 -2.88 -2.06 10.48
C PHE A 22 -3.21 -2.86 9.23
N LYS A 23 -3.88 -4.00 9.42
CA LYS A 23 -4.27 -4.86 8.31
C LYS A 23 -5.37 -4.21 7.47
N SER A 24 -6.43 -3.80 8.14
CA SER A 24 -7.56 -3.16 7.46
C SER A 24 -7.08 -2.06 6.52
N GLN A 25 -6.15 -1.24 7.01
CA GLN A 25 -5.61 -0.15 6.23
C GLN A 25 -5.16 -0.63 4.84
N LEU A 26 -4.40 -1.71 4.82
CA LEU A 26 -3.91 -2.27 3.57
C LEU A 26 -5.07 -2.71 2.68
N ILE A 27 -5.91 -3.60 3.21
CA ILE A 27 -7.06 -4.10 2.47
C ILE A 27 -7.76 -2.98 1.71
N VAL A 28 -8.02 -1.87 2.42
CA VAL A 28 -8.68 -0.72 1.81
C VAL A 28 -7.81 -0.11 0.72
N HIS A 29 -6.53 0.04 1.00
CA HIS A 29 -5.59 0.62 0.04
C HIS A 29 -5.55 -0.21 -1.24
N GLN A 30 -5.15 -1.47 -1.11
CA GLN A 30 -5.06 -2.37 -2.26
C GLN A 30 -6.17 -2.06 -3.27
N GLY A 31 -7.32 -1.63 -2.77
CA GLY A 31 -8.43 -1.32 -3.64
C GLY A 31 -8.06 -0.33 -4.73
N ILE A 32 -7.39 0.76 -4.35
CA ILE A 32 -6.97 1.77 -5.29
C ILE A 32 -6.47 1.15 -6.60
N HIS A 33 -6.01 -0.09 -6.50
CA HIS A 33 -5.50 -0.81 -7.67
C HIS A 33 -6.65 -1.44 -8.46
N THR A 34 -7.56 -2.11 -7.75
CA THR A 34 -8.71 -2.75 -8.38
C THR A 34 -9.84 -1.75 -8.63
N GLY A 35 -10.18 -1.55 -9.89
CA GLY A 35 -11.25 -0.62 -10.23
C GLY A 35 -10.82 0.39 -11.27
N VAL A 36 -11.66 1.40 -11.49
CA VAL A 36 -11.37 2.44 -12.48
C VAL A 36 -11.14 3.78 -11.80
N SER A 37 -10.43 3.76 -10.68
CA SER A 37 -10.13 4.98 -9.94
C SER A 37 -9.25 5.92 -10.75
N GLY A 38 -9.88 6.70 -11.63
CA GLY A 38 -9.13 7.62 -12.46
C GLY A 38 -7.87 7.01 -13.02
N PRO A 39 -6.95 7.86 -13.50
CA PRO A 39 -5.67 7.43 -14.07
C PRO A 39 -4.73 6.86 -13.02
N SER A 40 -3.95 5.86 -13.41
CA SER A 40 -3.01 5.23 -12.49
C SER A 40 -1.63 5.86 -12.61
N SER A 41 -0.90 5.88 -11.49
CA SER A 41 0.44 6.46 -11.47
C SER A 41 1.28 5.84 -10.36
N GLY A 42 2.45 5.32 -10.74
CA GLY A 42 3.34 4.71 -9.77
C GLY A 42 2.67 3.57 -9.02
ZN ZN B . -0.64 -0.78 -3.42
N GLY A 1 7.60 15.12 -1.50
CA GLY A 1 8.74 15.11 -0.59
C GLY A 1 8.52 14.21 0.61
N SER A 2 8.96 12.96 0.49
CA SER A 2 8.81 12.00 1.58
C SER A 2 10.00 12.06 2.53
N SER A 3 9.71 12.05 3.83
CA SER A 3 10.76 12.11 4.84
C SER A 3 10.64 10.94 5.82
N GLY A 4 11.55 9.98 5.69
CA GLY A 4 11.53 8.83 6.56
C GLY A 4 10.42 7.86 6.22
N SER A 5 10.27 7.55 4.94
CA SER A 5 9.23 6.64 4.48
C SER A 5 9.49 5.22 4.98
N SER A 6 10.72 4.77 4.85
CA SER A 6 11.10 3.43 5.31
C SER A 6 10.52 3.14 6.68
N GLY A 7 9.38 2.45 6.71
CA GLY A 7 8.74 2.12 7.97
C GLY A 7 8.97 0.68 8.38
N GLU A 8 8.49 0.31 9.56
CA GLU A 8 8.65 -1.05 10.06
C GLU A 8 7.28 -1.72 10.25
N LYS A 9 6.40 -1.53 9.27
CA LYS A 9 5.07 -2.11 9.33
C LYS A 9 5.07 -3.53 8.79
N PRO A 10 4.25 -4.40 9.41
CA PRO A 10 4.13 -5.80 8.99
C PRO A 10 3.45 -5.95 7.64
N TYR A 11 2.28 -5.32 7.49
CA TYR A 11 1.53 -5.40 6.25
C TYR A 11 2.21 -4.58 5.15
N VAL A 12 2.38 -5.21 3.99
CA VAL A 12 3.03 -4.55 2.85
C VAL A 12 2.33 -4.91 1.55
N CYS A 13 1.76 -3.90 0.90
CA CYS A 13 1.06 -4.11 -0.37
C CYS A 13 1.96 -4.83 -1.37
N SER A 14 1.34 -5.41 -2.40
CA SER A 14 2.09 -6.13 -3.42
C SER A 14 2.09 -5.35 -4.74
N ASP A 15 0.99 -4.66 -5.01
CA ASP A 15 0.87 -3.87 -6.24
C ASP A 15 1.97 -2.81 -6.31
N CYS A 16 1.98 -1.92 -5.33
CA CYS A 16 2.98 -0.85 -5.29
C CYS A 16 4.14 -1.23 -4.37
N GLY A 17 3.81 -1.76 -3.19
CA GLY A 17 4.83 -2.15 -2.24
C GLY A 17 4.88 -1.24 -1.03
N LYS A 18 3.75 -0.63 -0.71
CA LYS A 18 3.66 0.27 0.44
C LYS A 18 3.59 -0.51 1.74
N ALA A 19 3.56 0.21 2.86
CA ALA A 19 3.48 -0.42 4.17
C ALA A 19 2.33 0.17 4.99
N PHE A 20 1.72 -0.68 5.83
CA PHE A 20 0.61 -0.24 6.67
C PHE A 20 0.67 -0.92 8.04
N THR A 21 0.44 -0.12 9.08
CA THR A 21 0.47 -0.65 10.45
C THR A 21 -0.74 -1.53 10.72
N PHE A 22 -1.91 -1.06 10.29
CA PHE A 22 -3.15 -1.81 10.49
C PHE A 22 -3.48 -2.66 9.27
N LYS A 23 -4.07 -3.83 9.51
CA LYS A 23 -4.44 -4.73 8.43
C LYS A 23 -5.50 -4.11 7.53
N SER A 24 -6.56 -3.58 8.15
CA SER A 24 -7.63 -2.95 7.40
C SER A 24 -7.10 -1.87 6.48
N GLN A 25 -6.16 -1.07 6.97
CA GLN A 25 -5.57 0.00 6.19
C GLN A 25 -5.10 -0.51 4.83
N LEU A 26 -4.37 -1.62 4.84
CA LEU A 26 -3.86 -2.21 3.60
C LEU A 26 -5.01 -2.71 2.73
N ILE A 27 -5.85 -3.56 3.30
CA ILE A 27 -6.99 -4.11 2.57
C ILE A 27 -7.71 -3.02 1.78
N VAL A 28 -7.95 -1.89 2.42
CA VAL A 28 -8.63 -0.77 1.78
C VAL A 28 -7.73 -0.12 0.73
N HIS A 29 -6.43 -0.05 1.02
CA HIS A 29 -5.48 0.56 0.11
C HIS A 29 -5.38 -0.25 -1.18
N GLN A 30 -5.01 -1.52 -1.06
CA GLN A 30 -4.88 -2.40 -2.22
C GLN A 30 -5.96 -2.08 -3.26
N GLY A 31 -7.10 -1.60 -2.79
CA GLY A 31 -8.20 -1.26 -3.70
C GLY A 31 -7.79 -0.25 -4.75
N ILE A 32 -7.11 0.81 -4.32
CA ILE A 32 -6.67 1.86 -5.23
C ILE A 32 -6.14 1.26 -6.53
N HIS A 33 -5.69 0.01 -6.46
CA HIS A 33 -5.17 -0.68 -7.64
C HIS A 33 -6.29 -1.37 -8.41
N THR A 34 -7.17 -2.05 -7.68
CA THR A 34 -8.29 -2.75 -8.30
C THR A 34 -9.47 -1.83 -8.51
N GLY A 35 -10.58 -2.40 -8.98
CA GLY A 35 -11.78 -1.60 -9.21
C GLY A 35 -11.83 -1.04 -10.62
N VAL A 36 -11.84 0.28 -10.73
CA VAL A 36 -11.89 0.95 -12.02
C VAL A 36 -10.68 0.59 -12.87
N SER A 37 -10.92 -0.11 -13.98
CA SER A 37 -9.85 -0.52 -14.87
C SER A 37 -9.62 0.53 -15.95
N GLY A 38 -8.71 1.46 -15.69
CA GLY A 38 -8.41 2.50 -16.64
C GLY A 38 -6.91 2.78 -16.74
N PRO A 39 -6.46 3.14 -17.95
CA PRO A 39 -5.04 3.45 -18.20
C PRO A 39 -4.61 4.75 -17.55
N SER A 40 -3.31 4.87 -17.29
CA SER A 40 -2.77 6.07 -16.67
C SER A 40 -2.25 7.05 -17.72
N SER A 41 -1.30 6.59 -18.52
CA SER A 41 -0.71 7.43 -19.57
C SER A 41 -1.71 7.65 -20.70
N GLY A 42 -2.18 8.89 -20.83
CA GLY A 42 -3.14 9.21 -21.87
C GLY A 42 -3.18 10.70 -22.18
ZN ZN B . -0.47 -0.61 -3.23
N GLY A 1 23.15 -3.29 9.57
CA GLY A 1 23.90 -4.41 10.11
C GLY A 1 23.01 -5.56 10.51
N SER A 2 22.46 -5.49 11.72
CA SER A 2 21.58 -6.54 12.23
C SER A 2 20.12 -6.14 12.09
N SER A 3 19.50 -6.52 10.99
CA SER A 3 18.10 -6.19 10.74
C SER A 3 17.18 -7.08 11.57
N GLY A 4 15.97 -6.60 11.82
CA GLY A 4 15.01 -7.36 12.61
C GLY A 4 13.77 -6.56 12.94
N SER A 5 13.44 -6.48 14.23
CA SER A 5 12.27 -5.74 14.68
C SER A 5 12.59 -4.27 14.87
N SER A 6 13.27 -3.68 13.88
CA SER A 6 13.65 -2.28 13.94
C SER A 6 12.44 -1.41 14.28
N GLY A 7 11.43 -1.46 13.41
CA GLY A 7 10.23 -0.66 13.63
C GLY A 7 9.44 -0.46 12.35
N GLU A 8 9.37 -1.49 11.54
CA GLU A 8 8.63 -1.42 10.28
C GLU A 8 7.23 -2.05 10.42
N LYS A 9 6.45 -1.95 9.36
CA LYS A 9 5.09 -2.50 9.37
C LYS A 9 5.07 -3.90 8.78
N PRO A 10 4.22 -4.78 9.33
CA PRO A 10 4.09 -6.16 8.87
C PRO A 10 3.43 -6.25 7.50
N TYR A 11 2.33 -5.52 7.32
CA TYR A 11 1.60 -5.51 6.06
C TYR A 11 2.30 -4.64 5.03
N VAL A 12 2.40 -5.14 3.80
CA VAL A 12 3.06 -4.40 2.73
C VAL A 12 2.40 -4.70 1.38
N CYS A 13 1.74 -3.71 0.81
CA CYS A 13 1.07 -3.86 -0.48
C CYS A 13 1.97 -4.60 -1.46
N SER A 14 1.42 -5.64 -2.09
CA SER A 14 2.17 -6.43 -3.06
C SER A 14 1.90 -5.94 -4.48
N ASP A 15 1.45 -4.69 -4.60
CA ASP A 15 1.16 -4.10 -5.90
C ASP A 15 2.05 -2.88 -6.15
N CYS A 16 2.34 -2.15 -5.09
CA CYS A 16 3.17 -0.95 -5.20
C CYS A 16 4.34 -1.01 -4.21
N GLY A 17 4.04 -1.42 -2.98
CA GLY A 17 5.07 -1.50 -1.96
C GLY A 17 4.79 -0.62 -0.77
N LYS A 18 3.53 -0.24 -0.60
CA LYS A 18 3.13 0.61 0.51
C LYS A 18 2.92 -0.21 1.79
N ALA A 19 3.61 0.19 2.85
CA ALA A 19 3.50 -0.50 4.13
C ALA A 19 2.34 0.03 4.95
N PHE A 20 1.81 -0.80 5.83
CA PHE A 20 0.69 -0.42 6.69
C PHE A 20 0.76 -1.13 8.04
N THR A 21 0.60 -0.35 9.11
CA THR A 21 0.65 -0.89 10.46
C THR A 21 -0.52 -1.84 10.71
N PHE A 22 -1.70 -1.44 10.26
CA PHE A 22 -2.91 -2.24 10.44
C PHE A 22 -3.34 -2.87 9.12
N LYS A 23 -3.90 -4.07 9.19
CA LYS A 23 -4.37 -4.77 8.00
C LYS A 23 -5.44 -3.96 7.28
N SER A 24 -6.52 -3.66 7.99
CA SER A 24 -7.63 -2.90 7.42
C SER A 24 -7.10 -1.78 6.52
N GLN A 25 -6.15 -1.00 7.03
CA GLN A 25 -5.56 0.09 6.27
C GLN A 25 -5.13 -0.37 4.89
N LEU A 26 -4.49 -1.53 4.84
CA LEU A 26 -4.02 -2.10 3.57
C LEU A 26 -5.20 -2.49 2.68
N ILE A 27 -6.08 -3.33 3.21
CA ILE A 27 -7.25 -3.78 2.46
C ILE A 27 -7.88 -2.62 1.68
N VAL A 28 -8.03 -1.48 2.35
CA VAL A 28 -8.62 -0.31 1.73
C VAL A 28 -7.71 0.25 0.64
N HIS A 29 -6.42 0.32 0.93
CA HIS A 29 -5.45 0.83 -0.03
C HIS A 29 -5.41 -0.05 -1.27
N GLN A 30 -5.02 -1.31 -1.09
CA GLN A 30 -4.94 -2.24 -2.21
C GLN A 30 -6.04 -1.98 -3.24
N GLY A 31 -7.18 -1.49 -2.75
CA GLY A 31 -8.29 -1.19 -3.64
C GLY A 31 -7.92 -0.25 -4.76
N ILE A 32 -7.24 0.83 -4.41
CA ILE A 32 -6.82 1.82 -5.40
C ILE A 32 -6.28 1.13 -6.66
N HIS A 33 -5.83 -0.11 -6.51
CA HIS A 33 -5.29 -0.86 -7.63
C HIS A 33 -6.40 -1.66 -8.32
N THR A 34 -7.28 -2.25 -7.52
CA THR A 34 -8.38 -3.05 -8.05
C THR A 34 -9.56 -2.16 -8.42
N GLY A 35 -10.63 -2.80 -8.91
CA GLY A 35 -11.82 -2.05 -9.29
C GLY A 35 -11.60 -1.20 -10.53
N VAL A 36 -11.62 -1.84 -11.69
CA VAL A 36 -11.42 -1.12 -12.96
C VAL A 36 -11.91 -1.96 -14.13
N SER A 37 -12.91 -1.42 -14.85
CA SER A 37 -13.47 -2.12 -15.99
C SER A 37 -12.45 -2.23 -17.12
N GLY A 38 -11.45 -1.35 -17.10
CA GLY A 38 -10.42 -1.37 -18.13
C GLY A 38 -9.89 -2.77 -18.38
N PRO A 39 -9.52 -3.05 -19.64
CA PRO A 39 -8.99 -4.36 -20.04
C PRO A 39 -7.60 -4.61 -19.47
N SER A 40 -7.10 -3.67 -18.68
CA SER A 40 -5.78 -3.79 -18.07
C SER A 40 -5.47 -5.24 -17.72
N SER A 41 -6.42 -5.89 -17.05
CA SER A 41 -6.25 -7.28 -16.65
C SER A 41 -7.33 -8.17 -17.27
N GLY A 42 -6.93 -9.34 -17.74
CA GLY A 42 -7.87 -10.26 -18.37
C GLY A 42 -8.76 -10.94 -17.35
ZN ZN B . -0.56 -0.38 -3.28
N GLY A 1 22.59 -1.16 9.26
CA GLY A 1 22.11 -2.28 10.04
C GLY A 1 21.61 -1.87 11.41
N SER A 2 22.50 -1.90 12.40
CA SER A 2 22.15 -1.54 13.77
C SER A 2 21.89 -0.04 13.87
N SER A 3 20.67 0.37 13.54
CA SER A 3 20.29 1.77 13.60
C SER A 3 19.80 2.15 14.99
N GLY A 4 19.80 3.45 15.28
CA GLY A 4 19.34 3.92 16.58
C GLY A 4 18.06 3.25 17.02
N SER A 5 16.95 3.67 16.44
CA SER A 5 15.64 3.11 16.78
C SER A 5 14.64 3.32 15.65
N SER A 6 14.31 2.23 14.94
CA SER A 6 13.36 2.31 13.84
C SER A 6 12.56 1.02 13.73
N GLY A 7 11.52 1.05 12.90
CA GLY A 7 10.67 -0.12 12.73
C GLY A 7 9.85 -0.05 11.46
N GLU A 8 9.69 -1.20 10.79
CA GLU A 8 8.92 -1.27 9.56
C GLU A 8 7.58 -1.96 9.79
N LYS A 9 6.56 -1.52 9.06
CA LYS A 9 5.23 -2.10 9.18
C LYS A 9 5.19 -3.51 8.59
N PRO A 10 4.37 -4.38 9.20
CA PRO A 10 4.22 -5.77 8.74
C PRO A 10 3.50 -5.87 7.41
N TYR A 11 2.37 -5.17 7.29
CA TYR A 11 1.58 -5.18 6.07
C TYR A 11 2.27 -4.37 4.97
N VAL A 12 2.38 -4.98 3.79
CA VAL A 12 3.02 -4.32 2.66
C VAL A 12 2.34 -4.69 1.34
N CYS A 13 1.57 -3.76 0.80
CA CYS A 13 0.86 -3.98 -0.46
C CYS A 13 1.71 -4.80 -1.43
N SER A 14 1.07 -5.75 -2.10
CA SER A 14 1.77 -6.60 -3.06
C SER A 14 1.47 -6.17 -4.49
N ASP A 15 1.25 -4.88 -4.68
CA ASP A 15 0.96 -4.33 -6.00
C ASP A 15 1.84 -3.14 -6.30
N CYS A 16 2.16 -2.36 -5.27
CA CYS A 16 3.00 -1.18 -5.43
C CYS A 16 4.16 -1.20 -4.44
N GLY A 17 3.86 -1.53 -3.18
CA GLY A 17 4.88 -1.58 -2.16
C GLY A 17 4.57 -0.69 -0.98
N LYS A 18 3.30 -0.32 -0.84
CA LYS A 18 2.87 0.53 0.26
C LYS A 18 2.86 -0.24 1.57
N ALA A 19 3.34 0.39 2.63
CA ALA A 19 3.39 -0.23 3.95
C ALA A 19 2.27 0.29 4.84
N PHE A 20 1.70 -0.60 5.65
CA PHE A 20 0.61 -0.23 6.55
C PHE A 20 0.77 -0.93 7.89
N THR A 21 0.49 -0.19 8.96
CA THR A 21 0.61 -0.73 10.32
C THR A 21 -0.55 -1.65 10.63
N PHE A 22 -1.76 -1.23 10.25
CA PHE A 22 -2.96 -2.01 10.50
C PHE A 22 -3.39 -2.76 9.25
N LYS A 23 -4.00 -3.93 9.44
CA LYS A 23 -4.46 -4.75 8.33
C LYS A 23 -5.49 -4.00 7.50
N SER A 24 -6.57 -3.57 8.15
CA SER A 24 -7.64 -2.84 7.47
C SER A 24 -7.06 -1.80 6.52
N GLN A 25 -6.18 -0.96 7.03
CA GLN A 25 -5.56 0.08 6.22
C GLN A 25 -5.05 -0.49 4.89
N LEU A 26 -4.44 -1.66 4.95
CA LEU A 26 -3.91 -2.32 3.75
C LEU A 26 -5.05 -2.79 2.86
N ILE A 27 -5.93 -3.61 3.43
CA ILE A 27 -7.08 -4.14 2.67
C ILE A 27 -7.78 -3.03 1.89
N VAL A 28 -7.90 -1.87 2.51
CA VAL A 28 -8.55 -0.73 1.87
C VAL A 28 -7.66 -0.12 0.79
N HIS A 29 -6.36 -0.12 1.03
CA HIS A 29 -5.40 0.43 0.07
C HIS A 29 -5.39 -0.40 -1.21
N GLN A 30 -5.07 -1.67 -1.09
CA GLN A 30 -5.02 -2.56 -2.25
C GLN A 30 -6.13 -2.22 -3.24
N GLY A 31 -7.23 -1.68 -2.72
CA GLY A 31 -8.35 -1.31 -3.59
C GLY A 31 -7.95 -0.33 -4.67
N ILE A 32 -7.21 0.71 -4.27
CA ILE A 32 -6.78 1.73 -5.22
C ILE A 32 -6.27 1.10 -6.52
N HIS A 33 -5.87 -0.16 -6.43
CA HIS A 33 -5.37 -0.89 -7.60
C HIS A 33 -6.52 -1.55 -8.36
N THR A 34 -7.06 -2.62 -7.79
CA THR A 34 -8.17 -3.35 -8.42
C THR A 34 -9.22 -2.38 -8.94
N GLY A 35 -9.44 -1.29 -8.22
CA GLY A 35 -10.42 -0.31 -8.62
C GLY A 35 -10.51 -0.16 -10.13
N VAL A 36 -9.34 -0.15 -10.78
CA VAL A 36 -9.29 -0.01 -12.23
C VAL A 36 -10.03 -1.15 -12.93
N SER A 37 -11.24 -0.88 -13.37
CA SER A 37 -12.05 -1.88 -14.05
C SER A 37 -12.00 -1.69 -15.56
N GLY A 38 -12.27 -2.77 -16.30
CA GLY A 38 -12.26 -2.69 -17.75
C GLY A 38 -12.70 -4.00 -18.40
N PRO A 39 -13.36 -3.88 -19.56
CA PRO A 39 -13.86 -5.04 -20.30
C PRO A 39 -12.72 -5.86 -20.92
N SER A 40 -11.54 -5.26 -20.96
CA SER A 40 -10.37 -5.93 -21.54
C SER A 40 -9.09 -5.16 -21.21
N SER A 41 -7.99 -5.89 -21.06
CA SER A 41 -6.71 -5.28 -20.74
C SER A 41 -6.54 -3.97 -21.50
N GLY A 42 -6.60 -4.04 -22.83
CA GLY A 42 -6.45 -2.85 -23.65
C GLY A 42 -5.19 -2.88 -24.49
ZN ZN B . -0.59 -0.66 -3.51
N GLY A 1 15.56 13.65 -2.32
CA GLY A 1 15.33 12.23 -2.47
C GLY A 1 15.59 11.46 -1.19
N SER A 2 16.75 11.71 -0.58
CA SER A 2 17.12 11.03 0.66
C SER A 2 16.23 11.46 1.81
N SER A 3 15.38 10.55 2.27
CA SER A 3 14.47 10.83 3.37
C SER A 3 14.91 10.12 4.65
N GLY A 4 15.10 8.81 4.55
CA GLY A 4 15.51 8.03 5.70
C GLY A 4 14.42 7.90 6.74
N SER A 5 14.09 6.67 7.10
CA SER A 5 13.04 6.41 8.09
C SER A 5 13.44 5.25 9.00
N SER A 6 13.00 5.32 10.26
CA SER A 6 13.31 4.28 11.24
C SER A 6 12.13 3.33 11.41
N GLY A 7 10.95 3.90 11.63
CA GLY A 7 9.76 3.09 11.81
C GLY A 7 9.63 2.00 10.76
N GLU A 8 8.87 0.96 11.07
CA GLU A 8 8.67 -0.15 10.14
C GLU A 8 7.28 -0.76 10.32
N LYS A 9 6.67 -1.14 9.21
CA LYS A 9 5.34 -1.75 9.24
C LYS A 9 5.38 -3.18 8.72
N PRO A 10 4.61 -4.06 9.36
CA PRO A 10 4.53 -5.48 8.99
C PRO A 10 3.82 -5.68 7.65
N TYR A 11 2.63 -5.10 7.53
CA TYR A 11 1.85 -5.22 6.31
C TYR A 11 2.46 -4.39 5.18
N VAL A 12 2.64 -5.02 4.02
CA VAL A 12 3.21 -4.34 2.87
C VAL A 12 2.50 -4.75 1.57
N CYS A 13 1.77 -3.82 0.99
CA CYS A 13 1.04 -4.08 -0.25
C CYS A 13 1.92 -4.78 -1.27
N SER A 14 1.52 -5.98 -1.67
CA SER A 14 2.28 -6.76 -2.64
C SER A 14 1.95 -6.33 -4.07
N ASP A 15 1.40 -5.13 -4.19
CA ASP A 15 1.04 -4.59 -5.50
C ASP A 15 2.01 -3.50 -5.93
N CYS A 16 2.17 -2.49 -5.08
CA CYS A 16 3.07 -1.39 -5.38
C CYS A 16 4.25 -1.37 -4.40
N GLY A 17 3.95 -1.63 -3.13
CA GLY A 17 4.99 -1.63 -2.11
C GLY A 17 4.71 -0.66 -0.98
N LYS A 18 3.43 -0.42 -0.73
CA LYS A 18 3.03 0.50 0.33
C LYS A 18 2.92 -0.23 1.67
N ALA A 19 3.62 0.29 2.67
CA ALA A 19 3.61 -0.31 4.00
C ALA A 19 2.43 0.19 4.82
N PHE A 20 1.95 -0.65 5.73
CA PHE A 20 0.81 -0.29 6.58
C PHE A 20 0.96 -0.90 7.96
N THR A 21 0.50 -0.16 8.97
CA THR A 21 0.59 -0.63 10.35
C THR A 21 -0.53 -1.62 10.67
N PHE A 22 -1.75 -1.29 10.24
CA PHE A 22 -2.89 -2.15 10.48
C PHE A 22 -3.29 -2.89 9.20
N LYS A 23 -3.83 -4.10 9.36
CA LYS A 23 -4.24 -4.91 8.22
C LYS A 23 -5.36 -4.22 7.45
N SER A 24 -6.38 -3.77 8.16
CA SER A 24 -7.52 -3.09 7.54
C SER A 24 -7.04 -2.01 6.59
N GLN A 25 -6.10 -1.19 7.05
CA GLN A 25 -5.56 -0.10 6.24
C GLN A 25 -5.14 -0.61 4.86
N LEU A 26 -4.44 -1.73 4.84
CA LEU A 26 -3.98 -2.32 3.58
C LEU A 26 -5.15 -2.78 2.74
N ILE A 27 -6.01 -3.61 3.32
CA ILE A 27 -7.18 -4.12 2.61
C ILE A 27 -7.87 -3.01 1.80
N VAL A 28 -8.06 -1.86 2.45
CA VAL A 28 -8.70 -0.72 1.79
C VAL A 28 -7.82 -0.17 0.68
N HIS A 29 -6.54 0.07 0.99
CA HIS A 29 -5.61 0.60 0.02
C HIS A 29 -5.65 -0.20 -1.28
N GLN A 30 -5.36 -1.50 -1.17
CA GLN A 30 -5.37 -2.38 -2.34
C GLN A 30 -6.47 -1.98 -3.32
N GLY A 31 -7.63 -1.64 -2.78
CA GLY A 31 -8.74 -1.24 -3.62
C GLY A 31 -8.34 -0.27 -4.71
N ILE A 32 -7.57 0.75 -4.34
CA ILE A 32 -7.11 1.74 -5.30
C ILE A 32 -6.59 1.08 -6.58
N HIS A 33 -6.01 -0.11 -6.42
CA HIS A 33 -5.48 -0.85 -7.56
C HIS A 33 -6.61 -1.42 -8.42
N THR A 34 -7.55 -2.10 -7.77
CA THR A 34 -8.68 -2.69 -8.47
C THR A 34 -9.72 -1.64 -8.85
N GLY A 35 -9.49 -0.97 -9.96
CA GLY A 35 -10.42 0.07 -10.41
C GLY A 35 -11.68 -0.52 -11.01
N VAL A 36 -11.89 -0.29 -12.31
CA VAL A 36 -13.07 -0.80 -12.99
C VAL A 36 -12.74 -2.05 -13.79
N SER A 37 -12.66 -3.19 -13.10
CA SER A 37 -12.36 -4.45 -13.76
C SER A 37 -11.36 -4.25 -14.89
N GLY A 38 -10.38 -3.38 -14.66
CA GLY A 38 -9.37 -3.11 -15.67
C GLY A 38 -8.19 -2.34 -15.11
N PRO A 39 -7.24 -3.06 -14.50
CA PRO A 39 -6.04 -2.46 -13.92
C PRO A 39 -5.08 -1.92 -14.98
N SER A 40 -5.49 -2.02 -16.24
CA SER A 40 -4.67 -1.55 -17.34
C SER A 40 -3.94 -0.26 -16.98
N SER A 41 -2.64 -0.37 -16.76
CA SER A 41 -1.83 0.79 -16.39
C SER A 41 -0.69 0.99 -17.37
N GLY A 42 -0.98 0.84 -18.66
CA GLY A 42 0.03 1.00 -19.67
C GLY A 42 0.46 -0.32 -20.29
ZN ZN B . -0.57 -0.84 -3.45
#